data_5TSD
#
_entry.id   5TSD
#
_cell.length_a   68.945
_cell.length_b   70.124
_cell.length_c   126.615
_cell.angle_alpha   90.000
_cell.angle_beta   90.000
_cell.angle_gamma   90.000
#
_symmetry.space_group_name_H-M   'P 21 21 21'
#
loop_
_entity.id
_entity.type
_entity.pdbx_description
1 polymer 'Probable hydroxyacid dehydrogenase protein'
2 non-polymer 'NADPH DIHYDRO-NICOTINAMIDE-ADENINE-DINUCLEOTIDE PHOSPHATE'
3 non-polymer 'OXALIC ACID'
4 water water
#
_entity_poly.entity_id   1
_entity_poly.type   'polypeptide(L)'
_entity_poly.pdbx_seq_one_letter_code
;FQSMSVRPPVLVDIKFNPEGVDRVLKTAFADRGSINLADPANRERDFSETEYALLWKPDADLFRRAPNLKVIFSGGAGVD
HIIGMAGLPDIPIVRFVDRSLTTRMSEWVVMQCLMHLRGQYGHDSHQRRREWAKLIAPEAAEVTVGVMGLGILGQDAVAK
LKVMGFNVIGWSRTRKTIEGVETFDAGELDRFLAKTDILVGLLPLTPETTGFYDSELFKKLRRDGALGQPVFINAGRGKS
QIETDIVSAVREGTLGGASLDVFEVEPLATDSPLWELENVFITPHDAAVSEENALFRHVEMQIARFERGEPLQFVIDRAA
GY
;
_entity_poly.pdbx_strand_id   A,B
#
loop_
_chem_comp.id
_chem_comp.type
_chem_comp.name
_chem_comp.formula
NDP non-polymer 'NADPH DIHYDRO-NICOTINAMIDE-ADENINE-DINUCLEOTIDE PHOSPHATE' 'C21 H30 N7 O17 P3'
OXD non-polymer 'OXALIC ACID' 'C2 H2 O4'
#
# COMPACT_ATOMS: atom_id res chain seq x y z
N ARG A 7 -47.03 -6.29 3.81
CA ARG A 7 -45.90 -7.01 3.13
C ARG A 7 -45.25 -8.03 4.08
N PRO A 8 -44.98 -9.26 3.60
CA PRO A 8 -44.29 -10.20 4.49
C PRO A 8 -42.85 -9.79 4.83
N PRO A 9 -42.36 -10.21 6.00
CA PRO A 9 -40.99 -9.86 6.39
C PRO A 9 -39.93 -10.46 5.45
N VAL A 10 -38.76 -9.87 5.47
CA VAL A 10 -37.64 -10.32 4.67
C VAL A 10 -36.95 -11.48 5.38
N LEU A 11 -36.68 -12.54 4.64
CA LEU A 11 -36.00 -13.71 5.15
C LEU A 11 -34.50 -13.48 5.10
N VAL A 12 -33.84 -13.58 6.25
CA VAL A 12 -32.40 -13.34 6.35
C VAL A 12 -31.67 -14.63 6.79
N ASP A 13 -30.79 -15.12 5.90
CA ASP A 13 -29.92 -16.25 6.19
C ASP A 13 -28.51 -15.88 5.77
N ILE A 14 -27.82 -15.20 6.68
CA ILE A 14 -26.50 -14.63 6.47
C ILE A 14 -25.58 -15.23 7.53
N LYS A 15 -24.76 -16.18 7.11
CA LYS A 15 -23.87 -16.89 8.03
C LYS A 15 -22.49 -16.21 8.12
N PHE A 16 -22.51 -14.91 8.43
CA PHE A 16 -21.32 -14.19 8.90
C PHE A 16 -21.77 -13.27 10.01
N ASN A 17 -20.84 -12.97 10.92
CA ASN A 17 -21.05 -11.96 11.96
C ASN A 17 -22.49 -11.95 12.52
N PRO A 18 -22.94 -13.09 13.08
CA PRO A 18 -24.34 -13.20 13.53
C PRO A 18 -24.77 -12.15 14.56
N GLU A 19 -23.85 -11.74 15.44
CA GLU A 19 -24.16 -10.69 16.42
C GLU A 19 -24.38 -9.35 15.72
N GLY A 20 -23.54 -9.03 14.74
CA GLY A 20 -23.72 -7.83 13.91
C GLY A 20 -25.01 -7.84 13.11
N VAL A 21 -25.36 -9.00 12.55
CA VAL A 21 -26.63 -9.18 11.81
C VAL A 21 -27.83 -8.95 12.73
N ASP A 22 -27.85 -9.62 13.89
CA ASP A 22 -28.92 -9.45 14.88
C ASP A 22 -29.11 -7.97 15.28
N ARG A 23 -28.00 -7.28 15.55
CA ARG A 23 -28.01 -5.84 15.86
C ARG A 23 -28.67 -4.98 14.76
N VAL A 24 -28.17 -5.10 13.52
CA VAL A 24 -28.70 -4.31 12.39
C VAL A 24 -30.16 -4.62 12.10
N LEU A 25 -30.55 -5.88 12.22
CA LEU A 25 -31.94 -6.26 11.98
C LEU A 25 -32.96 -5.62 12.93
N LYS A 26 -32.52 -5.13 14.08
CA LYS A 26 -33.42 -4.42 14.99
C LYS A 26 -34.04 -3.16 14.37
N THR A 27 -33.36 -2.53 13.42
CA THR A 27 -33.90 -1.36 12.70
C THR A 27 -34.05 -1.50 11.17
N ALA A 28 -33.60 -2.61 10.60
CA ALA A 28 -33.66 -2.80 9.14
C ALA A 28 -35.08 -3.19 8.72
N PHE A 29 -35.41 -2.91 7.45
CA PHE A 29 -36.72 -3.26 6.87
C PHE A 29 -37.85 -2.79 7.76
N ALA A 30 -37.79 -1.50 8.12
CA ALA A 30 -38.74 -0.92 9.08
C ALA A 30 -40.20 -1.09 8.66
N ASP A 31 -40.46 -1.12 7.36
CA ASP A 31 -41.84 -1.25 6.86
C ASP A 31 -42.41 -2.69 6.85
N ARG A 32 -41.61 -3.69 7.22
CA ARG A 32 -42.07 -5.09 7.21
C ARG A 32 -41.39 -6.09 8.15
N GLY A 33 -40.21 -5.76 8.68
CA GLY A 33 -39.49 -6.64 9.59
C GLY A 33 -38.75 -7.74 8.86
N SER A 34 -38.18 -8.65 9.64
CA SER A 34 -37.34 -9.72 9.09
C SER A 34 -37.48 -11.00 9.89
N ILE A 35 -37.10 -12.11 9.25
CA ILE A 35 -37.04 -13.41 9.86
C ILE A 35 -35.57 -13.86 9.75
N ASN A 36 -34.86 -13.85 10.88
CA ASN A 36 -33.44 -14.23 10.93
C ASN A 36 -33.30 -15.72 11.27
N LEU A 37 -32.85 -16.52 10.31
CA LEU A 37 -32.69 -17.96 10.54
C LEU A 37 -31.56 -18.34 11.52
N ALA A 38 -30.71 -17.36 11.91
CA ALA A 38 -29.78 -17.54 13.04
C ALA A 38 -30.49 -17.85 14.36
N ASP A 39 -31.70 -17.32 14.52
CA ASP A 39 -32.54 -17.60 15.66
C ASP A 39 -33.19 -18.98 15.51
N PRO A 40 -32.87 -19.95 16.41
CA PRO A 40 -33.45 -21.31 16.28
C PRO A 40 -34.98 -21.33 16.22
N ALA A 41 -35.63 -20.36 16.86
CA ALA A 41 -37.08 -20.30 16.89
C ALA A 41 -37.69 -19.98 15.51
N ASN A 42 -36.90 -19.39 14.61
CA ASN A 42 -37.34 -19.11 13.25
C ASN A 42 -37.15 -20.23 12.25
N ARG A 43 -36.30 -21.22 12.58
CA ARG A 43 -35.75 -22.11 11.50
C ARG A 43 -36.81 -23.01 10.87
N GLU A 44 -37.76 -23.43 11.67
CA GLU A 44 -38.85 -24.31 11.22
C GLU A 44 -40.22 -23.61 11.16
N ARG A 45 -40.22 -22.28 11.16
CA ARG A 45 -41.43 -21.49 10.92
C ARG A 45 -41.87 -21.63 9.46
N ASP A 46 -43.16 -21.49 9.22
CA ASP A 46 -43.71 -21.38 7.89
C ASP A 46 -43.41 -19.97 7.39
N PHE A 47 -42.44 -19.86 6.49
CA PHE A 47 -42.15 -18.63 5.77
C PHE A 47 -42.30 -18.87 4.26
N SER A 48 -43.35 -19.62 3.92
CA SER A 48 -43.71 -19.93 2.54
C SER A 48 -44.14 -18.72 1.70
N GLU A 49 -44.69 -17.68 2.33
CA GLU A 49 -45.09 -16.46 1.62
C GLU A 49 -44.01 -15.39 1.50
N THR A 50 -42.80 -15.68 1.96
CA THR A 50 -41.65 -14.80 1.76
C THR A 50 -41.49 -14.37 0.30
N GLU A 51 -41.26 -13.08 0.11
CA GLU A 51 -41.02 -12.50 -1.21
C GLU A 51 -39.53 -12.26 -1.46
N TYR A 52 -38.80 -11.86 -0.43
CA TYR A 52 -37.40 -11.47 -0.53
C TYR A 52 -36.54 -12.24 0.47
N ALA A 53 -35.44 -12.78 -0.03
CA ALA A 53 -34.47 -13.46 0.82
C ALA A 53 -33.07 -12.89 0.62
N LEU A 54 -32.39 -12.69 1.73
CA LEU A 54 -31.04 -12.16 1.78
C LEU A 54 -30.15 -13.30 2.29
N LEU A 55 -29.20 -13.73 1.44
CA LEU A 55 -28.50 -15.00 1.59
C LEU A 55 -26.98 -14.91 1.51
N TRP A 56 -26.31 -15.51 2.50
CA TRP A 56 -24.86 -15.73 2.47
C TRP A 56 -24.56 -17.08 3.12
N LYS A 57 -23.93 -17.96 2.32
CA LYS A 57 -23.79 -19.39 2.66
C LYS A 57 -25.11 -19.97 3.24
N PRO A 58 -26.19 -19.89 2.46
CA PRO A 58 -27.50 -20.23 3.01
C PRO A 58 -27.72 -21.72 3.15
N ASP A 59 -28.77 -22.08 3.88
CA ASP A 59 -29.20 -23.47 4.02
C ASP A 59 -29.48 -24.06 2.64
N ALA A 60 -29.01 -25.29 2.40
CA ALA A 60 -29.16 -25.95 1.10
C ALA A 60 -30.61 -26.17 0.67
N ASP A 61 -31.50 -26.29 1.66
CA ASP A 61 -32.94 -26.52 1.41
C ASP A 61 -33.78 -25.23 1.44
N LEU A 62 -33.13 -24.07 1.40
CA LEU A 62 -33.85 -22.80 1.57
C LEU A 62 -35.03 -22.60 0.62
N PHE A 63 -34.88 -23.02 -0.65
CA PHE A 63 -35.93 -22.80 -1.66
C PHE A 63 -37.10 -23.77 -1.61
N ARG A 64 -36.92 -24.91 -0.93
CA ARG A 64 -38.04 -25.76 -0.54
C ARG A 64 -38.87 -25.05 0.54
N ARG A 65 -38.18 -24.44 1.50
CA ARG A 65 -38.82 -23.80 2.64
C ARG A 65 -39.38 -22.40 2.28
N ALA A 66 -38.74 -21.70 1.34
CA ALA A 66 -39.27 -20.44 0.78
C ALA A 66 -39.43 -20.58 -0.74
N PRO A 67 -40.53 -21.23 -1.18
CA PRO A 67 -40.71 -21.54 -2.61
C PRO A 67 -41.41 -20.47 -3.46
N ASN A 68 -41.74 -19.33 -2.89
CA ASN A 68 -42.48 -18.28 -3.64
C ASN A 68 -41.72 -16.95 -3.69
N LEU A 69 -40.38 -17.02 -3.74
CA LEU A 69 -39.58 -15.81 -3.71
C LEU A 69 -39.74 -15.02 -5.00
N LYS A 70 -39.64 -13.70 -4.85
CA LYS A 70 -39.69 -12.77 -5.97
C LYS A 70 -38.28 -12.33 -6.36
N VAL A 71 -37.44 -12.04 -5.37
CA VAL A 71 -36.06 -11.61 -5.62
C VAL A 71 -35.16 -12.22 -4.55
N ILE A 72 -33.96 -12.61 -4.97
CA ILE A 72 -32.93 -13.11 -4.06
C ILE A 72 -31.86 -12.06 -3.99
N PHE A 73 -31.43 -11.72 -2.79
CA PHE A 73 -30.32 -10.80 -2.60
C PHE A 73 -29.15 -11.55 -2.00
N SER A 74 -27.99 -11.42 -2.62
CA SER A 74 -26.77 -11.94 -2.03
C SER A 74 -26.27 -11.02 -0.94
N GLY A 75 -25.76 -11.62 0.15
CA GLY A 75 -25.06 -10.89 1.18
C GLY A 75 -23.69 -10.38 0.80
N GLY A 76 -23.24 -10.70 -0.42
CA GLY A 76 -21.93 -10.26 -0.90
C GLY A 76 -21.98 -9.94 -2.38
N ALA A 77 -20.84 -9.48 -2.88
CA ALA A 77 -20.69 -9.21 -4.29
C ALA A 77 -20.69 -10.49 -5.11
N GLY A 78 -20.22 -11.58 -4.52
CA GLY A 78 -20.26 -12.89 -5.17
C GLY A 78 -21.63 -13.55 -5.01
N VAL A 79 -21.98 -14.38 -5.98
CA VAL A 79 -23.23 -15.15 -5.96
C VAL A 79 -23.04 -16.65 -6.22
N ASP A 80 -21.78 -17.12 -6.19
CA ASP A 80 -21.51 -18.53 -6.46
C ASP A 80 -22.13 -19.48 -5.42
N HIS A 81 -22.30 -19.01 -4.19
CA HIS A 81 -23.03 -19.74 -3.15
C HIS A 81 -24.52 -19.96 -3.48
N ILE A 82 -25.10 -19.09 -4.30
CA ILE A 82 -26.51 -19.17 -4.69
C ILE A 82 -26.71 -19.97 -5.98
N ILE A 83 -25.90 -19.67 -7.00
CA ILE A 83 -25.91 -20.38 -8.27
C ILE A 83 -25.67 -21.86 -7.93
N GLY A 84 -26.44 -22.74 -8.54
CA GLY A 84 -26.27 -24.19 -8.31
C GLY A 84 -27.01 -24.79 -7.12
N MET A 85 -27.59 -23.96 -6.25
CA MET A 85 -28.49 -24.44 -5.18
C MET A 85 -29.69 -25.20 -5.77
N ALA A 86 -30.13 -26.20 -5.03
CA ALA A 86 -31.25 -27.03 -5.46
C ALA A 86 -32.52 -26.19 -5.47
N GLY A 87 -33.31 -26.34 -6.54
CA GLY A 87 -34.57 -25.62 -6.69
C GLY A 87 -34.45 -24.11 -6.79
N LEU A 88 -33.29 -23.61 -7.24
CA LEU A 88 -33.07 -22.18 -7.41
C LEU A 88 -34.11 -21.64 -8.40
N PRO A 89 -34.98 -20.71 -7.93
CA PRO A 89 -36.01 -20.23 -8.86
C PRO A 89 -35.47 -19.34 -9.96
N ASP A 90 -36.24 -19.24 -11.05
CA ASP A 90 -35.91 -18.38 -12.19
CA ASP A 90 -35.93 -18.38 -12.19
C ASP A 90 -36.41 -16.97 -11.87
N ILE A 91 -35.67 -16.27 -11.01
CA ILE A 91 -36.00 -14.91 -10.58
C ILE A 91 -34.69 -14.10 -10.48
N PRO A 92 -34.79 -12.76 -10.39
CA PRO A 92 -33.55 -11.99 -10.31
C PRO A 92 -32.74 -12.30 -9.04
N ILE A 93 -31.42 -12.40 -9.20
CA ILE A 93 -30.48 -12.50 -8.10
C ILE A 93 -29.69 -11.19 -8.12
N VAL A 94 -29.79 -10.42 -7.03
CA VAL A 94 -29.17 -9.10 -6.93
C VAL A 94 -27.96 -9.23 -6.03
N ARG A 95 -26.81 -8.81 -6.53
CA ARG A 95 -25.59 -8.87 -5.73
C ARG A 95 -25.34 -7.55 -5.01
N PHE A 96 -24.42 -7.61 -4.04
CA PHE A 96 -24.03 -6.45 -3.26
C PHE A 96 -22.94 -5.69 -3.99
N VAL A 97 -23.24 -4.45 -4.38
CA VAL A 97 -22.30 -3.53 -4.98
C VAL A 97 -22.35 -2.27 -4.13
N ASP A 98 -21.21 -1.79 -3.68
CA ASP A 98 -21.19 -0.76 -2.67
C ASP A 98 -19.87 -0.02 -2.71
N ARG A 99 -19.94 1.31 -2.63
CA ARG A 99 -18.74 2.12 -2.69
C ARG A 99 -17.70 1.80 -1.60
N SER A 100 -18.16 1.51 -0.38
CA SER A 100 -17.25 1.17 0.73
C SER A 100 -16.56 -0.17 0.46
N LEU A 101 -17.33 -1.15 0.00
CA LEU A 101 -16.76 -2.43 -0.39
C LEU A 101 -15.68 -2.27 -1.44
N THR A 102 -16.00 -1.52 -2.50
CA THR A 102 -15.08 -1.31 -3.61
C THR A 102 -13.77 -0.68 -3.14
N THR A 103 -13.88 0.41 -2.39
CA THR A 103 -12.68 1.13 -1.99
C THR A 103 -11.81 0.30 -1.03
N ARG A 104 -12.43 -0.53 -0.20
CA ARG A 104 -11.68 -1.44 0.70
C ARG A 104 -10.94 -2.51 -0.10
N MET A 105 -11.57 -3.08 -1.12
CA MET A 105 -10.86 -4.05 -1.97
C MET A 105 -9.63 -3.37 -2.60
N SER A 106 -9.78 -2.14 -3.09
CA SER A 106 -8.63 -1.48 -3.70
C SER A 106 -7.51 -1.18 -2.68
N GLU A 107 -7.88 -0.85 -1.44
CA GLU A 107 -6.90 -0.75 -0.35
C GLU A 107 -6.07 -2.03 -0.24
N TRP A 108 -6.75 -3.17 -0.22
CA TRP A 108 -6.07 -4.47 -0.08
C TRP A 108 -5.18 -4.76 -1.27
N VAL A 109 -5.73 -4.61 -2.47
CA VAL A 109 -4.98 -4.88 -3.70
C VAL A 109 -3.72 -4.04 -3.79
N VAL A 110 -3.86 -2.74 -3.58
CA VAL A 110 -2.72 -1.83 -3.68
C VAL A 110 -1.69 -2.15 -2.60
N MET A 111 -2.14 -2.39 -1.37
CA MET A 111 -1.26 -2.77 -0.28
C MET A 111 -0.46 -4.04 -0.62
N GLN A 112 -1.14 -5.08 -1.11
CA GLN A 112 -0.46 -6.33 -1.45
C GLN A 112 0.54 -6.12 -2.57
N CYS A 113 0.14 -5.39 -3.61
CA CYS A 113 1.07 -5.09 -4.70
C CYS A 113 2.31 -4.32 -4.23
N LEU A 114 2.11 -3.34 -3.36
CA LEU A 114 3.24 -2.58 -2.78
C LEU A 114 4.13 -3.43 -1.87
N MET A 115 3.52 -4.29 -1.06
CA MET A 115 4.30 -5.17 -0.21
C MET A 115 5.19 -6.11 -1.00
N HIS A 116 4.71 -6.57 -2.16
CA HIS A 116 5.55 -7.37 -3.05
C HIS A 116 6.61 -6.51 -3.73
N LEU A 117 6.22 -5.36 -4.24
CA LEU A 117 7.17 -4.44 -4.90
C LEU A 117 8.33 -4.08 -3.97
N ARG A 118 7.99 -3.80 -2.72
CA ARG A 118 8.93 -3.29 -1.74
C ARG A 118 9.50 -4.33 -0.76
N GLY A 119 9.29 -5.62 -1.04
CA GLY A 119 9.89 -6.70 -0.28
C GLY A 119 9.56 -6.67 1.20
N GLN A 120 8.29 -6.44 1.50
CA GLN A 120 7.83 -6.41 2.87
C GLN A 120 8.17 -7.69 3.63
N TYR A 121 7.98 -8.85 2.99
CA TYR A 121 8.25 -10.09 3.66
C TYR A 121 9.72 -10.18 4.10
N GLY A 122 10.63 -9.83 3.19
CA GLY A 122 12.05 -9.83 3.47
C GLY A 122 12.43 -8.81 4.52
N HIS A 123 11.88 -7.60 4.44
CA HIS A 123 12.09 -6.61 5.49
C HIS A 123 11.63 -7.10 6.86
N ASP A 124 10.44 -7.69 6.92
CA ASP A 124 9.92 -8.23 8.18
C ASP A 124 10.78 -9.37 8.72
N SER A 125 11.26 -10.25 7.85
CA SER A 125 12.13 -11.35 8.27
C SER A 125 13.42 -10.83 8.90
N HIS A 126 14.03 -9.86 8.22
CA HIS A 126 15.22 -9.22 8.75
C HIS A 126 14.93 -8.48 10.07
N GLN A 127 13.80 -7.75 10.14
CA GLN A 127 13.46 -7.01 11.35
C GLN A 127 13.33 -7.95 12.56
N ARG A 128 12.68 -9.10 12.34
CA ARG A 128 12.52 -10.09 13.40
C ARG A 128 13.84 -10.64 13.89
N ARG A 129 14.85 -10.66 13.03
CA ARG A 129 16.21 -11.06 13.38
C ARG A 129 17.11 -9.90 13.83
N ARG A 130 16.57 -8.70 13.91
CA ARG A 130 17.33 -7.48 14.21
C ARG A 130 18.49 -7.28 13.24
N GLU A 131 18.21 -7.48 11.94
CA GLU A 131 19.20 -7.33 10.88
C GLU A 131 18.86 -6.11 10.05
N TRP A 132 19.85 -5.23 9.87
CA TRP A 132 19.75 -4.07 8.99
C TRP A 132 20.24 -4.49 7.62
N ALA A 133 19.34 -4.57 6.65
CA ALA A 133 19.71 -5.13 5.33
C ALA A 133 18.94 -4.47 4.23
N LYS A 134 19.60 -3.57 3.51
CA LYS A 134 18.93 -2.90 2.39
C LYS A 134 18.61 -3.92 1.29
N LEU A 135 17.40 -3.85 0.77
CA LEU A 135 16.90 -4.76 -0.26
C LEU A 135 16.53 -3.85 -1.42
N ILE A 136 17.19 -4.03 -2.57
CA ILE A 136 17.05 -3.10 -3.70
C ILE A 136 15.71 -3.38 -4.41
N ALA A 137 14.85 -2.37 -4.48
CA ALA A 137 13.52 -2.54 -5.06
C ALA A 137 13.43 -1.78 -6.40
N PRO A 138 12.76 -2.35 -7.41
CA PRO A 138 12.41 -1.56 -8.58
C PRO A 138 11.30 -0.56 -8.22
N GLU A 139 11.16 0.52 -8.99
CA GLU A 139 10.00 1.41 -8.82
C GLU A 139 8.79 0.79 -9.50
N ALA A 140 7.60 1.23 -9.11
CA ALA A 140 6.36 0.63 -9.57
C ALA A 140 6.25 0.58 -11.10
N ALA A 141 6.72 1.62 -11.78
CA ALA A 141 6.62 1.71 -13.24
C ALA A 141 7.40 0.64 -14.00
N GLU A 142 8.39 0.01 -13.34
CA GLU A 142 9.15 -1.09 -13.93
C GLU A 142 8.42 -2.43 -13.88
N VAL A 143 7.24 -2.47 -13.25
CA VAL A 143 6.52 -3.69 -12.96
C VAL A 143 5.12 -3.59 -13.57
N THR A 144 4.73 -4.64 -14.28
CA THR A 144 3.38 -4.72 -14.83
C THR A 144 2.46 -5.55 -13.93
N VAL A 145 1.40 -4.92 -13.45
CA VAL A 145 0.34 -5.60 -12.76
C VAL A 145 -0.75 -5.94 -13.78
N GLY A 146 -1.11 -7.21 -13.87
CA GLY A 146 -2.17 -7.65 -14.76
C GLY A 146 -3.39 -7.98 -13.92
N VAL A 147 -4.45 -7.19 -14.07
CA VAL A 147 -5.68 -7.38 -13.30
C VAL A 147 -6.65 -8.23 -14.10
N MET A 148 -7.03 -9.37 -13.53
CA MET A 148 -7.99 -10.27 -14.13
C MET A 148 -9.35 -10.01 -13.50
N GLY A 149 -10.27 -9.54 -14.34
CA GLY A 149 -11.57 -9.08 -13.93
C GLY A 149 -11.55 -7.57 -13.95
N LEU A 150 -12.38 -6.98 -14.80
CA LEU A 150 -12.43 -5.54 -14.96
C LEU A 150 -13.85 -5.06 -14.72
N GLY A 151 -14.45 -5.54 -13.62
CA GLY A 151 -15.77 -5.08 -13.21
C GLY A 151 -15.70 -3.97 -12.19
N ILE A 152 -16.62 -3.99 -11.23
CA ILE A 152 -16.66 -2.98 -10.18
C ILE A 152 -15.32 -2.92 -9.42
N LEU A 153 -14.84 -4.08 -8.98
CA LEU A 153 -13.59 -4.13 -8.21
C LEU A 153 -12.36 -3.93 -9.09
N GLY A 154 -12.31 -4.64 -10.20
CA GLY A 154 -11.17 -4.57 -11.11
C GLY A 154 -10.85 -3.17 -11.62
N GLN A 155 -11.89 -2.45 -12.04
CA GLN A 155 -11.68 -1.10 -12.55
C GLN A 155 -11.19 -0.11 -11.49
N ASP A 156 -11.69 -0.25 -10.27
CA ASP A 156 -11.22 0.60 -9.16
C ASP A 156 -9.76 0.32 -8.84
N ALA A 157 -9.40 -0.97 -8.78
CA ALA A 157 -8.02 -1.37 -8.51
C ALA A 157 -7.05 -0.88 -9.60
N VAL A 158 -7.46 -1.05 -10.85
CA VAL A 158 -6.66 -0.58 -12.00
C VAL A 158 -6.32 0.92 -11.85
N ALA A 159 -7.34 1.72 -11.57
CA ALA A 159 -7.16 3.17 -11.47
C ALA A 159 -6.17 3.55 -10.37
N LYS A 160 -6.27 2.89 -9.21
CA LYS A 160 -5.45 3.24 -8.06
C LYS A 160 -4.01 2.71 -8.22
N LEU A 161 -3.87 1.52 -8.79
CA LEU A 161 -2.55 0.98 -9.12
C LEU A 161 -1.78 1.88 -10.08
N LYS A 162 -2.49 2.39 -11.10
CA LYS A 162 -1.89 3.32 -12.04
C LYS A 162 -1.42 4.60 -11.36
N VAL A 163 -2.25 5.16 -10.47
CA VAL A 163 -1.86 6.35 -9.70
C VAL A 163 -0.57 6.08 -8.88
N MET A 164 -0.45 4.90 -8.30
CA MET A 164 0.76 4.54 -7.53
C MET A 164 1.99 4.36 -8.41
N GLY A 165 1.79 4.24 -9.73
CA GLY A 165 2.86 4.27 -10.70
C GLY A 165 3.12 2.94 -11.41
N PHE A 166 2.41 1.89 -11.03
CA PHE A 166 2.52 0.61 -11.74
C PHE A 166 2.15 0.74 -13.23
N ASN A 167 2.81 -0.04 -14.07
CA ASN A 167 2.26 -0.32 -15.40
C ASN A 167 1.13 -1.30 -15.17
N VAL A 168 -0.04 -1.04 -15.75
CA VAL A 168 -1.22 -1.88 -15.50
C VAL A 168 -1.84 -2.32 -16.81
N ILE A 169 -2.13 -3.62 -16.88
CA ILE A 169 -2.93 -4.18 -17.97
C ILE A 169 -4.09 -4.94 -17.39
N GLY A 170 -5.10 -5.18 -18.22
CA GLY A 170 -6.33 -5.84 -17.79
C GLY A 170 -6.81 -6.95 -18.67
N TRP A 171 -7.43 -7.95 -18.06
CA TRP A 171 -8.05 -9.07 -18.77
C TRP A 171 -9.50 -9.21 -18.30
N SER A 172 -10.40 -9.39 -19.25
CA SER A 172 -11.82 -9.65 -18.94
C SER A 172 -12.40 -10.47 -20.07
N ARG A 173 -13.64 -10.94 -19.91
CA ARG A 173 -14.23 -11.85 -20.87
C ARG A 173 -14.49 -11.12 -22.19
N THR A 174 -15.18 -9.99 -22.09
CA THR A 174 -15.46 -9.12 -23.25
C THR A 174 -14.53 -7.91 -23.21
N ARG A 175 -14.21 -7.37 -24.38
CA ARG A 175 -13.25 -6.28 -24.49
C ARG A 175 -13.70 -5.01 -23.76
N LYS A 176 -12.76 -4.40 -23.04
CA LYS A 176 -12.95 -3.12 -22.36
C LYS A 176 -12.11 -2.04 -23.01
N THR A 177 -12.57 -0.80 -22.88
CA THR A 177 -11.77 0.36 -23.25
C THR A 177 -11.49 1.14 -21.97
N ILE A 178 -10.23 1.15 -21.55
CA ILE A 178 -9.78 1.92 -20.39
C ILE A 178 -8.58 2.77 -20.80
N GLU A 179 -8.73 4.09 -20.75
CA GLU A 179 -7.65 5.03 -21.14
C GLU A 179 -6.37 4.74 -20.36
N GLY A 180 -5.25 4.61 -21.10
CA GLY A 180 -3.94 4.37 -20.51
C GLY A 180 -3.68 2.95 -20.02
N VAL A 181 -4.60 2.03 -20.30
CA VAL A 181 -4.48 0.66 -19.82
C VAL A 181 -4.78 -0.25 -20.98
N GLU A 182 -3.77 -1.02 -21.39
CA GLU A 182 -3.94 -2.03 -22.39
C GLU A 182 -4.82 -3.13 -21.82
N THR A 183 -5.87 -3.49 -22.56
CA THR A 183 -6.78 -4.53 -22.11
C THR A 183 -6.85 -5.67 -23.12
N PHE A 184 -7.22 -6.84 -22.62
CA PHE A 184 -7.21 -8.09 -23.35
C PHE A 184 -8.53 -8.82 -23.07
N ASP A 185 -9.09 -9.47 -24.09
CA ASP A 185 -10.35 -10.20 -23.89
C ASP A 185 -10.09 -11.73 -23.71
N ALA A 186 -11.15 -12.52 -23.64
CA ALA A 186 -11.05 -13.95 -23.30
C ALA A 186 -10.00 -14.69 -24.13
N GLY A 187 -10.08 -14.53 -25.44
CA GLY A 187 -9.17 -15.20 -26.38
C GLY A 187 -7.72 -14.71 -26.36
N GLU A 188 -7.43 -13.63 -25.64
CA GLU A 188 -6.09 -13.07 -25.55
C GLU A 188 -5.41 -13.38 -24.22
N LEU A 189 -5.89 -14.39 -23.49
CA LEU A 189 -5.34 -14.74 -22.18
C LEU A 189 -3.83 -14.94 -22.19
N ASP A 190 -3.31 -15.74 -23.11
CA ASP A 190 -1.86 -16.02 -23.14
C ASP A 190 -1.00 -14.78 -23.41
N ARG A 191 -1.46 -13.89 -24.27
CA ARG A 191 -0.79 -12.59 -24.49
C ARG A 191 -0.70 -11.77 -23.21
N PHE A 192 -1.81 -11.69 -22.51
CA PHE A 192 -1.90 -10.98 -21.24
C PHE A 192 -0.97 -11.59 -20.20
N LEU A 193 -1.01 -12.91 -20.06
CA LEU A 193 -0.19 -13.60 -19.06
C LEU A 193 1.30 -13.35 -19.28
N ALA A 194 1.73 -13.40 -20.54
CA ALA A 194 3.14 -13.23 -20.90
C ALA A 194 3.69 -11.83 -20.54
N LYS A 195 2.81 -10.84 -20.42
CA LYS A 195 3.18 -9.47 -20.07
C LYS A 195 3.08 -9.17 -18.57
N THR A 196 2.58 -10.11 -17.78
CA THR A 196 2.19 -9.85 -16.40
C THR A 196 3.28 -10.29 -15.41
N ASP A 197 3.72 -9.35 -14.57
CA ASP A 197 4.67 -9.64 -13.50
C ASP A 197 3.92 -9.96 -12.21
N ILE A 198 2.87 -9.19 -11.90
CA ILE A 198 2.05 -9.44 -10.72
C ILE A 198 0.64 -9.65 -11.21
N LEU A 199 0.13 -10.86 -11.01
CA LEU A 199 -1.23 -11.20 -11.40
C LEU A 199 -2.15 -10.86 -10.24
N VAL A 200 -3.19 -10.07 -10.49
CA VAL A 200 -4.22 -9.76 -9.48
C VAL A 200 -5.55 -10.38 -9.92
N GLY A 201 -6.04 -11.33 -9.13
CA GLY A 201 -7.30 -12.00 -9.41
C GLY A 201 -8.48 -11.35 -8.75
N LEU A 202 -9.37 -10.80 -9.57
CA LEU A 202 -10.67 -10.27 -9.12
C LEU A 202 -11.81 -10.83 -10.01
N LEU A 203 -11.76 -12.13 -10.24
CA LEU A 203 -12.75 -12.83 -11.01
C LEU A 203 -13.82 -13.44 -10.10
N PRO A 204 -15.06 -13.52 -10.60
CA PRO A 204 -16.06 -14.33 -9.92
C PRO A 204 -15.77 -15.82 -10.09
N LEU A 205 -16.33 -16.64 -9.21
CA LEU A 205 -16.31 -18.09 -9.40
C LEU A 205 -17.47 -18.52 -10.28
N THR A 206 -17.13 -19.08 -11.44
CA THR A 206 -18.09 -19.67 -12.36
C THR A 206 -17.47 -21.00 -12.81
N PRO A 207 -18.24 -21.81 -13.54
CA PRO A 207 -17.59 -23.02 -14.10
C PRO A 207 -16.36 -22.70 -14.96
N GLU A 208 -16.35 -21.57 -15.65
CA GLU A 208 -15.21 -21.18 -16.50
C GLU A 208 -13.97 -20.76 -15.68
N THR A 209 -14.15 -20.32 -14.43
CA THR A 209 -13.02 -19.86 -13.61
C THR A 209 -12.68 -20.83 -12.46
N THR A 210 -13.27 -22.02 -12.43
CA THR A 210 -13.01 -23.01 -11.40
C THR A 210 -11.70 -23.75 -11.73
N GLY A 211 -10.78 -23.83 -10.76
CA GLY A 211 -9.50 -24.49 -10.97
C GLY A 211 -8.69 -23.86 -12.09
N PHE A 212 -8.80 -22.52 -12.19
CA PHE A 212 -8.25 -21.74 -13.29
C PHE A 212 -6.79 -21.35 -13.06
N TYR A 213 -6.48 -20.95 -11.84
CA TYR A 213 -5.13 -20.54 -11.47
C TYR A 213 -4.37 -21.82 -11.06
N ASP A 214 -3.68 -22.37 -12.05
CA ASP A 214 -2.98 -23.64 -11.91
C ASP A 214 -1.52 -23.52 -12.39
N SER A 215 -0.76 -24.63 -12.27
CA SER A 215 0.68 -24.63 -12.62
C SER A 215 0.94 -24.11 -14.02
N GLU A 216 0.11 -24.57 -14.96
CA GLU A 216 0.25 -24.21 -16.36
C GLU A 216 0.11 -22.68 -16.53
N LEU A 217 -0.89 -22.10 -15.87
CA LEU A 217 -1.07 -20.65 -15.93
C LEU A 217 0.09 -19.92 -15.27
N PHE A 218 0.52 -20.35 -14.09
CA PHE A 218 1.66 -19.68 -13.42
C PHE A 218 2.94 -19.68 -14.26
N LYS A 219 3.17 -20.77 -15.00
CA LYS A 219 4.34 -20.87 -15.89
C LYS A 219 4.26 -19.99 -17.14
N LYS A 220 3.09 -19.41 -17.42
CA LYS A 220 2.94 -18.45 -18.51
C LYS A 220 3.17 -16.99 -18.11
N LEU A 221 3.21 -16.70 -16.80
CA LEU A 221 3.49 -15.33 -16.34
C LEU A 221 4.90 -14.90 -16.73
N ARG A 222 5.09 -13.59 -16.82
CA ARG A 222 6.39 -13.06 -17.21
C ARG A 222 7.46 -13.44 -16.19
N ARG A 223 8.61 -13.87 -16.67
CA ARG A 223 9.69 -14.39 -15.83
C ARG A 223 10.90 -13.47 -15.72
N ASP A 224 11.12 -12.59 -16.69
CA ASP A 224 12.37 -11.83 -16.72
C ASP A 224 12.14 -10.35 -16.32
N GLY A 225 11.18 -10.14 -15.44
CA GLY A 225 10.75 -8.81 -15.01
C GLY A 225 11.55 -8.28 -13.84
N ALA A 226 11.24 -7.05 -13.46
CA ALA A 226 12.05 -6.31 -12.50
C ALA A 226 12.02 -6.91 -11.09
N LEU A 227 10.93 -7.58 -10.70
CA LEU A 227 10.89 -8.28 -9.42
C LEU A 227 11.57 -9.63 -9.42
N GLY A 228 11.95 -10.13 -10.59
CA GLY A 228 12.71 -11.37 -10.69
C GLY A 228 11.82 -12.54 -11.03
N GLN A 229 10.87 -12.84 -10.16
CA GLN A 229 9.89 -13.90 -10.38
C GLN A 229 8.49 -13.30 -10.23
N PRO A 230 7.50 -13.83 -10.96
CA PRO A 230 6.17 -13.24 -10.88
C PRO A 230 5.43 -13.59 -9.61
N VAL A 231 4.38 -12.81 -9.32
CA VAL A 231 3.65 -12.91 -8.06
C VAL A 231 2.19 -13.18 -8.38
N PHE A 232 1.56 -14.04 -7.58
CA PHE A 232 0.13 -14.37 -7.73
C PHE A 232 -0.66 -13.78 -6.58
N ILE A 233 -1.59 -12.89 -6.89
CA ILE A 233 -2.48 -12.29 -5.89
C ILE A 233 -3.91 -12.69 -6.25
N ASN A 234 -4.66 -13.20 -5.27
CA ASN A 234 -6.06 -13.54 -5.50
C ASN A 234 -6.95 -13.11 -4.33
N ALA A 235 -7.96 -12.31 -4.68
CA ALA A 235 -9.01 -11.93 -3.76
C ALA A 235 -10.39 -12.13 -4.38
N GLY A 236 -10.48 -12.98 -5.39
CA GLY A 236 -11.76 -13.33 -6.01
C GLY A 236 -12.41 -14.46 -5.24
N ARG A 237 -12.16 -15.68 -5.70
CA ARG A 237 -12.69 -16.88 -5.06
C ARG A 237 -11.60 -17.94 -4.96
N GLY A 238 -11.56 -18.63 -3.82
CA GLY A 238 -10.57 -19.65 -3.57
C GLY A 238 -10.65 -20.85 -4.48
N LYS A 239 -11.85 -21.22 -4.89
CA LYS A 239 -12.00 -22.37 -5.78
C LYS A 239 -11.52 -22.10 -7.22
N SER A 240 -11.16 -20.85 -7.52
CA SER A 240 -10.53 -20.52 -8.78
C SER A 240 -9.05 -20.93 -8.83
N GLN A 241 -8.44 -21.21 -7.68
CA GLN A 241 -7.03 -21.62 -7.65
C GLN A 241 -6.86 -23.08 -7.24
N ILE A 242 -5.71 -23.61 -7.64
CA ILE A 242 -5.27 -24.93 -7.21
C ILE A 242 -4.14 -24.69 -6.21
N GLU A 243 -4.44 -24.87 -4.93
CA GLU A 243 -3.44 -24.52 -3.90
C GLU A 243 -2.20 -25.39 -3.89
N THR A 244 -2.35 -26.67 -4.23
CA THR A 244 -1.20 -27.54 -4.39
C THR A 244 -0.22 -26.96 -5.42
N ASP A 245 -0.75 -26.36 -6.48
CA ASP A 245 0.06 -25.75 -7.53
C ASP A 245 0.69 -24.43 -7.08
N ILE A 246 -0.01 -23.67 -6.25
CA ILE A 246 0.55 -22.46 -5.66
C ILE A 246 1.74 -22.84 -4.78
N VAL A 247 1.57 -23.85 -3.93
CA VAL A 247 2.64 -24.29 -3.05
C VAL A 247 3.89 -24.71 -3.85
N SER A 248 3.68 -25.58 -4.84
CA SER A 248 4.79 -26.07 -5.65
C SER A 248 5.44 -24.93 -6.46
N ALA A 249 4.64 -24.02 -6.98
CA ALA A 249 5.14 -22.88 -7.77
C ALA A 249 6.03 -21.95 -6.94
N VAL A 250 5.60 -21.66 -5.72
CA VAL A 250 6.39 -20.81 -4.81
C VAL A 250 7.66 -21.54 -4.38
N ARG A 251 7.53 -22.80 -3.94
CA ARG A 251 8.73 -23.56 -3.57
C ARG A 251 9.74 -23.69 -4.69
N GLU A 252 9.25 -23.89 -5.90
CA GLU A 252 10.16 -24.10 -7.04
C GLU A 252 10.69 -22.81 -7.65
N GLY A 253 10.13 -21.65 -7.28
CA GLY A 253 10.58 -20.37 -7.85
C GLY A 253 9.82 -19.93 -9.11
N THR A 254 8.82 -20.69 -9.53
CA THR A 254 7.91 -20.27 -10.59
C THR A 254 7.18 -18.99 -10.19
N LEU A 255 6.71 -18.94 -8.94
CA LEU A 255 6.18 -17.73 -8.34
C LEU A 255 7.20 -17.25 -7.30
N GLY A 256 7.47 -15.95 -7.29
CA GLY A 256 8.33 -15.30 -6.31
C GLY A 256 7.62 -15.11 -4.98
N GLY A 257 6.30 -15.15 -5.00
CA GLY A 257 5.50 -14.92 -3.81
C GLY A 257 4.02 -14.89 -4.19
N ALA A 258 3.19 -14.70 -3.19
CA ALA A 258 1.74 -14.64 -3.37
C ALA A 258 1.07 -13.85 -2.26
N SER A 259 -0.13 -13.34 -2.56
CA SER A 259 -1.02 -12.79 -1.56
C SER A 259 -2.39 -13.38 -1.80
N LEU A 260 -2.94 -14.01 -0.76
CA LEU A 260 -4.19 -14.75 -0.91
C LEU A 260 -5.15 -14.33 0.19
N ASP A 261 -6.33 -13.87 -0.21
CA ASP A 261 -7.44 -13.60 0.70
C ASP A 261 -8.47 -14.70 0.71
N VAL A 262 -8.42 -15.60 -0.26
CA VAL A 262 -9.46 -16.59 -0.49
C VAL A 262 -8.82 -17.94 -0.73
N PHE A 263 -9.54 -19.00 -0.34
CA PHE A 263 -8.99 -20.37 -0.33
C PHE A 263 -10.01 -21.39 -0.76
N GLU A 264 -9.52 -22.52 -1.26
CA GLU A 264 -10.39 -23.57 -1.79
C GLU A 264 -11.40 -24.04 -0.74
N VAL A 265 -10.93 -24.13 0.50
CA VAL A 265 -11.75 -24.42 1.63
C VAL A 265 -11.41 -23.39 2.69
N GLU A 266 -12.43 -22.68 3.19
CA GLU A 266 -12.27 -21.64 4.22
C GLU A 266 -13.05 -22.08 5.47
N PRO A 267 -12.55 -21.84 6.68
CA PRO A 267 -11.21 -21.29 6.94
C PRO A 267 -10.07 -22.20 6.43
N LEU A 268 -8.96 -21.61 6.01
CA LEU A 268 -7.79 -22.34 5.57
C LEU A 268 -7.33 -23.33 6.63
N ALA A 269 -7.14 -24.59 6.25
CA ALA A 269 -6.82 -25.63 7.21
C ALA A 269 -5.48 -25.30 7.86
N THR A 270 -5.36 -25.62 9.14
CA THR A 270 -4.16 -25.39 9.92
C THR A 270 -2.95 -26.11 9.33
N ASP A 271 -3.15 -27.28 8.71
CA ASP A 271 -2.06 -28.02 8.07
C ASP A 271 -1.77 -27.60 6.62
N SER A 272 -2.38 -26.54 6.11
CA SER A 272 -2.00 -26.03 4.78
C SER A 272 -0.52 -25.66 4.74
N PRO A 273 0.18 -26.03 3.65
CA PRO A 273 1.55 -25.54 3.50
C PRO A 273 1.65 -24.03 3.22
N LEU A 274 0.56 -23.38 2.85
CA LEU A 274 0.57 -21.95 2.53
C LEU A 274 1.02 -21.05 3.67
N TRP A 275 0.66 -21.42 4.91
CA TRP A 275 0.92 -20.56 6.05
C TRP A 275 2.38 -20.14 6.22
N GLU A 276 3.31 -21.05 5.95
CA GLU A 276 4.71 -20.81 6.21
C GLU A 276 5.58 -20.54 4.97
N LEU A 277 4.99 -20.46 3.79
CA LEU A 277 5.74 -20.25 2.56
C LEU A 277 6.32 -18.86 2.55
N GLU A 278 7.61 -18.79 2.20
CA GLU A 278 8.27 -17.50 2.09
C GLU A 278 7.61 -16.60 1.04
N ASN A 279 7.52 -15.32 1.37
CA ASN A 279 6.88 -14.28 0.55
C ASN A 279 5.42 -14.55 0.20
N VAL A 280 4.70 -15.23 1.09
CA VAL A 280 3.26 -15.45 0.92
C VAL A 280 2.52 -14.77 2.07
N PHE A 281 1.55 -13.93 1.70
CA PHE A 281 0.71 -13.24 2.66
C PHE A 281 -0.68 -13.86 2.62
N ILE A 282 -1.22 -14.14 3.80
CA ILE A 282 -2.52 -14.72 3.96
C ILE A 282 -3.40 -13.74 4.73
N THR A 283 -4.59 -13.49 4.19
CA THR A 283 -5.62 -12.75 4.92
C THR A 283 -6.89 -13.63 4.93
N PRO A 284 -7.67 -13.55 6.02
CA PRO A 284 -8.76 -14.52 6.21
C PRO A 284 -10.07 -14.09 5.57
N HIS A 285 -10.06 -13.97 4.23
CA HIS A 285 -11.23 -13.51 3.47
C HIS A 285 -11.81 -12.25 4.07
N ASP A 286 -10.93 -11.25 4.29
CA ASP A 286 -11.34 -9.97 4.84
C ASP A 286 -10.86 -8.79 3.98
N ALA A 287 -10.60 -9.02 2.70
CA ALA A 287 -10.10 -7.96 1.81
C ALA A 287 -11.09 -6.79 1.69
N ALA A 288 -12.37 -7.11 1.64
CA ALA A 288 -13.38 -6.06 1.53
C ALA A 288 -14.57 -6.47 2.34
N VAL A 289 -14.55 -6.03 3.59
CA VAL A 289 -15.60 -6.28 4.56
C VAL A 289 -16.32 -4.95 4.81
N SER A 290 -17.42 -4.77 4.10
CA SER A 290 -18.32 -3.62 4.32
C SER A 290 -19.18 -3.86 5.57
N GLU A 291 -19.44 -2.79 6.34
CA GLU A 291 -20.39 -2.85 7.48
C GLU A 291 -21.72 -3.51 7.09
N GLU A 292 -22.36 -4.25 8.01
CA GLU A 292 -23.72 -4.81 7.71
C GLU A 292 -24.74 -3.74 7.41
N ASN A 293 -24.68 -2.57 8.06
CA ASN A 293 -25.68 -1.56 7.71
C ASN A 293 -25.72 -1.31 6.22
N ALA A 294 -24.57 -1.26 5.56
CA ALA A 294 -24.54 -0.92 4.13
C ALA A 294 -25.29 -1.97 3.31
N LEU A 295 -25.09 -3.24 3.63
CA LEU A 295 -25.82 -4.35 2.96
C LEU A 295 -27.34 -4.19 3.06
N PHE A 296 -27.80 -3.92 4.27
CA PHE A 296 -29.23 -3.81 4.56
C PHE A 296 -29.87 -2.57 3.93
N ARG A 297 -29.18 -1.44 4.01
CA ARG A 297 -29.63 -0.23 3.28
C ARG A 297 -29.76 -0.53 1.77
N HIS A 298 -28.80 -1.28 1.24
CA HIS A 298 -28.79 -1.69 -0.17
C HIS A 298 -30.00 -2.54 -0.57
N VAL A 299 -30.33 -3.54 0.23
CA VAL A 299 -31.46 -4.41 -0.05
C VAL A 299 -32.75 -3.60 0.06
N GLU A 300 -32.85 -2.76 1.09
CA GLU A 300 -34.01 -1.89 1.25
C GLU A 300 -34.24 -1.05 -0.01
N MET A 301 -33.15 -0.47 -0.53
CA MET A 301 -33.23 0.38 -1.72
C MET A 301 -33.77 -0.39 -2.91
N GLN A 302 -33.27 -1.60 -3.12
CA GLN A 302 -33.67 -2.36 -4.29
C GLN A 302 -35.10 -2.87 -4.17
N ILE A 303 -35.52 -3.26 -2.97
CA ILE A 303 -36.90 -3.59 -2.71
C ILE A 303 -37.78 -2.39 -3.07
N ALA A 304 -37.40 -1.20 -2.61
CA ALA A 304 -38.15 0.01 -2.88
C ALA A 304 -38.30 0.29 -4.38
N ARG A 305 -37.19 0.18 -5.11
CA ARG A 305 -37.21 0.37 -6.59
C ARG A 305 -38.13 -0.64 -7.24
N PHE A 306 -37.90 -1.91 -6.90
CA PHE A 306 -38.71 -3.04 -7.42
C PHE A 306 -40.20 -2.78 -7.24
N GLU A 307 -40.56 -2.38 -6.02
CA GLU A 307 -41.96 -2.22 -5.65
C GLU A 307 -42.64 -0.98 -6.22
N ARG A 308 -41.88 0.03 -6.63
CA ARG A 308 -42.46 1.19 -7.31
C ARG A 308 -42.26 1.18 -8.82
N GLY A 309 -41.79 0.06 -9.35
CA GLY A 309 -41.72 -0.17 -10.80
C GLY A 309 -40.39 0.12 -11.47
N GLU A 310 -39.35 0.44 -10.71
CA GLU A 310 -38.04 0.76 -11.27
C GLU A 310 -37.25 -0.54 -11.43
N PRO A 311 -36.35 -0.60 -12.44
CA PRO A 311 -35.54 -1.81 -12.58
C PRO A 311 -34.60 -2.05 -11.39
N LEU A 312 -34.52 -3.31 -10.97
CA LEU A 312 -33.50 -3.74 -10.03
C LEU A 312 -32.12 -3.47 -10.61
N GLN A 313 -31.17 -3.10 -9.75
CA GLN A 313 -29.77 -2.90 -10.13
C GLN A 313 -28.94 -4.10 -9.68
N PHE A 314 -27.79 -4.28 -10.33
CA PHE A 314 -26.83 -5.30 -9.91
C PHE A 314 -27.36 -6.72 -10.03
N VAL A 315 -28.20 -6.96 -11.04
CA VAL A 315 -28.81 -8.24 -11.27
C VAL A 315 -27.83 -9.10 -12.07
N ILE A 316 -27.60 -10.33 -11.63
CA ILE A 316 -26.65 -11.18 -12.32
C ILE A 316 -27.25 -11.78 -13.60
N ASP A 317 -26.36 -12.03 -14.56
CA ASP A 317 -26.72 -12.65 -15.82
C ASP A 317 -26.60 -14.17 -15.65
N ARG A 318 -27.74 -14.84 -15.61
CA ARG A 318 -27.77 -16.32 -15.40
C ARG A 318 -26.99 -17.10 -16.45
N ALA A 319 -27.04 -16.63 -17.70
CA ALA A 319 -26.29 -17.27 -18.79
C ALA A 319 -24.79 -17.14 -18.58
N ALA A 320 -24.34 -15.94 -18.20
CA ALA A 320 -22.92 -15.69 -17.93
C ALA A 320 -22.48 -16.33 -16.61
N GLY A 321 -23.40 -16.42 -15.65
CA GLY A 321 -23.12 -17.03 -14.36
C GLY A 321 -22.59 -16.05 -13.33
N TYR A 322 -22.66 -14.76 -13.61
CA TYR A 322 -22.24 -13.71 -12.70
C TYR A 322 -22.88 -12.40 -13.10
N ARG B 7 38.44 21.12 -18.26
CA ARG B 7 37.69 21.22 -16.96
C ARG B 7 38.22 20.18 -15.95
N PRO B 8 38.46 20.59 -14.69
CA PRO B 8 38.91 19.59 -13.71
C PRO B 8 37.86 18.51 -13.40
N PRO B 9 38.30 17.32 -12.99
CA PRO B 9 37.34 16.25 -12.66
C PRO B 9 36.44 16.59 -11.48
N VAL B 10 35.30 15.91 -11.40
CA VAL B 10 34.34 16.09 -10.34
C VAL B 10 34.80 15.27 -9.12
N LEU B 11 34.80 15.92 -7.96
CA LEU B 11 35.19 15.26 -6.71
C LEU B 11 33.96 14.55 -6.17
N VAL B 12 34.08 13.24 -5.97
CA VAL B 12 32.97 12.40 -5.50
C VAL B 12 33.31 11.78 -4.14
N ASP B 13 32.57 12.15 -3.11
CA ASP B 13 32.72 11.60 -1.76
C ASP B 13 31.33 11.21 -1.29
N ILE B 14 30.93 9.99 -1.67
CA ILE B 14 29.60 9.46 -1.44
C ILE B 14 29.74 8.17 -0.63
N LYS B 15 29.48 8.25 0.67
CA LYS B 15 29.66 7.10 1.56
C LYS B 15 28.37 6.26 1.69
N PHE B 16 27.80 5.89 0.53
CA PHE B 16 26.80 4.81 0.45
C PHE B 16 27.11 3.98 -0.78
N ASN B 17 26.72 2.72 -0.75
CA ASN B 17 26.81 1.83 -1.91
C ASN B 17 28.09 2.06 -2.75
N PRO B 18 29.27 1.90 -2.12
CA PRO B 18 30.53 2.22 -2.79
C PRO B 18 30.76 1.42 -4.09
N GLU B 19 30.30 0.17 -4.13
CA GLU B 19 30.37 -0.65 -5.34
C GLU B 19 29.54 -0.03 -6.47
N GLY B 20 28.33 0.40 -6.15
CA GLY B 20 27.46 1.10 -7.11
C GLY B 20 28.03 2.41 -7.61
N VAL B 21 28.64 3.18 -6.70
CA VAL B 21 29.32 4.43 -7.04
C VAL B 21 30.49 4.17 -8.01
N ASP B 22 31.37 3.24 -7.64
CA ASP B 22 32.50 2.86 -8.49
C ASP B 22 32.06 2.45 -9.91
N ARG B 23 31.02 1.62 -9.99
CA ARG B 23 30.43 1.19 -11.28
C ARG B 23 29.98 2.38 -12.15
N VAL B 24 29.12 3.25 -11.59
CA VAL B 24 28.58 4.39 -12.34
C VAL B 24 29.68 5.37 -12.76
N LEU B 25 30.65 5.60 -11.88
CA LEU B 25 31.74 6.51 -12.20
C LEU B 25 32.61 6.11 -13.40
N LYS B 26 32.59 4.84 -13.79
CA LYS B 26 33.31 4.41 -14.99
C LYS B 26 32.87 5.14 -16.26
N THR B 27 31.60 5.56 -16.33
CA THR B 27 31.09 6.32 -17.49
C THR B 27 30.53 7.73 -17.17
N ALA B 28 30.46 8.11 -15.90
CA ALA B 28 29.87 9.41 -15.51
C ALA B 28 30.86 10.53 -15.78
N PHE B 29 30.34 11.74 -15.98
CA PHE B 29 31.17 12.93 -16.23
C PHE B 29 32.18 12.68 -17.33
N ALA B 30 31.69 12.18 -18.46
CA ALA B 30 32.54 11.73 -19.56
C ALA B 30 33.50 12.82 -20.06
N ASP B 31 33.08 14.08 -20.00
CA ASP B 31 33.89 15.19 -20.49
C ASP B 31 35.00 15.68 -19.53
N ARG B 32 35.08 15.10 -18.33
CA ARG B 32 36.11 15.51 -17.35
C ARG B 32 36.58 14.46 -16.35
N GLY B 33 35.81 13.39 -16.13
CA GLY B 33 36.20 12.35 -15.18
C GLY B 33 35.86 12.74 -13.76
N SER B 34 36.28 11.89 -12.82
CA SER B 34 35.97 12.07 -11.43
C SER B 34 37.11 11.59 -10.52
N ILE B 35 37.08 12.08 -9.29
CA ILE B 35 38.01 11.68 -8.24
C ILE B 35 37.16 11.09 -7.12
N ASN B 36 37.24 9.76 -6.96
CA ASN B 36 36.45 9.05 -5.97
C ASN B 36 37.20 8.88 -4.63
N LEU B 37 36.75 9.60 -3.61
CA LEU B 37 37.36 9.53 -2.28
C LEU B 37 37.04 8.22 -1.54
N ALA B 38 36.19 7.35 -2.09
CA ALA B 38 36.07 5.96 -1.62
C ALA B 38 37.36 5.18 -1.78
N ASP B 39 38.17 5.53 -2.78
CA ASP B 39 39.52 4.99 -2.94
C ASP B 39 40.47 5.64 -1.93
N PRO B 40 41.02 4.86 -0.96
CA PRO B 40 41.96 5.45 0.02
C PRO B 40 43.15 6.19 -0.60
N ALA B 41 43.56 5.79 -1.80
CA ALA B 41 44.66 6.48 -2.50
C ALA B 41 44.33 7.92 -2.90
N ASN B 42 43.05 8.26 -3.00
CA ASN B 42 42.61 9.63 -3.30
C ASN B 42 42.48 10.54 -2.06
N ARG B 43 42.44 9.95 -0.87
CA ARG B 43 42.50 10.63 0.42
C ARG B 43 43.49 11.78 0.60
N GLU B 44 44.71 11.65 0.07
CA GLU B 44 45.74 12.68 0.20
C GLU B 44 46.01 13.46 -1.10
N ARG B 45 45.11 13.37 -2.08
CA ARG B 45 45.34 13.97 -3.40
C ARG B 45 45.19 15.49 -3.34
N ASP B 46 45.96 16.17 -4.19
CA ASP B 46 45.81 17.62 -4.34
C ASP B 46 44.62 17.84 -5.25
N PHE B 47 43.49 18.25 -4.68
CA PHE B 47 42.28 18.50 -5.47
C PHE B 47 41.84 19.97 -5.32
N SER B 48 42.82 20.87 -5.22
CA SER B 48 42.57 22.29 -4.91
C SER B 48 41.85 23.07 -6.03
N GLU B 49 42.00 22.65 -7.28
CA GLU B 49 41.30 23.28 -8.41
C GLU B 49 39.89 22.72 -8.71
N THR B 50 39.41 21.75 -7.91
CA THR B 50 38.08 21.19 -8.09
C THR B 50 37.00 22.28 -8.11
N GLU B 51 36.09 22.16 -9.07
CA GLU B 51 34.97 23.09 -9.21
C GLU B 51 33.68 22.52 -8.62
N TYR B 52 33.47 21.22 -8.78
CA TYR B 52 32.23 20.55 -8.39
C TYR B 52 32.51 19.37 -7.47
N ALA B 53 31.78 19.31 -6.36
CA ALA B 53 31.88 18.18 -5.44
C ALA B 53 30.49 17.58 -5.21
N LEU B 54 30.44 16.26 -5.25
CA LEU B 54 29.25 15.46 -5.04
C LEU B 54 29.46 14.71 -3.72
N LEU B 55 28.63 15.02 -2.71
CA LEU B 55 28.89 14.68 -1.31
C LEU B 55 27.73 13.98 -0.60
N TRP B 56 28.04 12.88 0.09
CA TRP B 56 27.15 12.22 1.03
C TRP B 56 27.97 11.73 2.22
N LYS B 57 27.62 12.20 3.41
CA LYS B 57 28.42 12.04 4.64
C LYS B 57 29.91 12.24 4.38
N PRO B 58 30.29 13.43 3.88
CA PRO B 58 31.64 13.65 3.41
C PRO B 58 32.63 13.82 4.54
N ASP B 59 33.92 13.75 4.19
CA ASP B 59 35.01 14.01 5.12
C ASP B 59 34.86 15.40 5.73
N ALA B 60 35.05 15.51 7.04
CA ALA B 60 34.86 16.76 7.80
C ALA B 60 35.74 17.92 7.32
N ASP B 61 36.92 17.59 6.78
CA ASP B 61 37.89 18.59 6.29
C ASP B 61 37.81 18.84 4.78
N LEU B 62 36.74 18.39 4.12
CA LEU B 62 36.68 18.42 2.66
C LEU B 62 36.91 19.82 2.06
N PHE B 63 36.37 20.86 2.70
CA PHE B 63 36.46 22.24 2.17
C PHE B 63 37.82 22.93 2.39
N ARG B 64 38.61 22.42 3.33
CA ARG B 64 40.03 22.78 3.42
C ARG B 64 40.79 22.20 2.21
N ARG B 65 40.48 20.95 1.89
CA ARG B 65 41.16 20.24 0.81
C ARG B 65 40.65 20.64 -0.59
N ALA B 66 39.39 21.02 -0.70
CA ALA B 66 38.82 21.59 -1.93
C ALA B 66 38.25 22.98 -1.63
N PRO B 67 39.13 24.01 -1.57
CA PRO B 67 38.70 25.35 -1.16
C PRO B 67 38.22 26.29 -2.28
N ASN B 68 38.16 25.82 -3.53
CA ASN B 68 37.77 26.66 -4.66
C ASN B 68 36.53 26.14 -5.38
N LEU B 69 35.61 25.51 -4.65
CA LEU B 69 34.42 24.93 -5.27
C LEU B 69 33.49 26.00 -5.79
N LYS B 70 32.82 25.67 -6.88
CA LYS B 70 31.81 26.53 -7.49
C LYS B 70 30.40 26.09 -7.08
N VAL B 71 30.16 24.78 -7.07
CA VAL B 71 28.87 24.23 -6.69
C VAL B 71 29.09 22.93 -5.91
N ILE B 72 28.25 22.72 -4.89
CA ILE B 72 28.24 21.50 -4.12
C ILE B 72 26.97 20.77 -4.47
N PHE B 73 27.06 19.48 -4.77
CA PHE B 73 25.91 18.64 -5.03
C PHE B 73 25.77 17.63 -3.91
N SER B 74 24.58 17.54 -3.33
CA SER B 74 24.29 16.49 -2.38
C SER B 74 23.99 15.19 -3.12
N GLY B 75 24.48 14.07 -2.56
CA GLY B 75 24.10 12.74 -3.02
C GLY B 75 22.68 12.32 -2.69
N GLY B 76 21.94 13.18 -1.99
CA GLY B 76 20.55 12.89 -1.68
C GLY B 76 19.69 14.13 -1.69
N ALA B 77 18.41 13.92 -1.41
CA ALA B 77 17.48 15.04 -1.27
C ALA B 77 17.79 15.83 -0.02
N GLY B 78 18.31 15.17 1.03
CA GLY B 78 18.71 15.88 2.24
C GLY B 78 20.10 16.49 2.12
N VAL B 79 20.32 17.58 2.84
CA VAL B 79 21.59 18.31 2.86
C VAL B 79 22.12 18.57 4.28
N ASP B 80 21.53 17.93 5.29
CA ASP B 80 21.94 18.14 6.67
C ASP B 80 23.39 17.73 6.97
N HIS B 81 23.88 16.74 6.24
CA HIS B 81 25.30 16.34 6.29
C HIS B 81 26.27 17.44 5.80
N ILE B 82 25.79 18.35 4.94
CA ILE B 82 26.62 19.44 4.40
C ILE B 82 26.49 20.72 5.23
N ILE B 83 25.26 21.09 5.56
CA ILE B 83 24.99 22.26 6.40
C ILE B 83 25.74 22.06 7.70
N GLY B 84 26.39 23.11 8.17
CA GLY B 84 27.13 23.07 9.44
C GLY B 84 28.58 22.63 9.33
N MET B 85 29.00 22.10 8.18
CA MET B 85 30.41 21.73 7.98
C MET B 85 31.34 22.93 8.08
N ALA B 86 32.55 22.67 8.59
CA ALA B 86 33.53 23.72 8.79
C ALA B 86 33.97 24.26 7.44
N GLY B 87 34.07 25.59 7.34
CA GLY B 87 34.50 26.25 6.11
C GLY B 87 33.60 26.04 4.90
N LEU B 88 32.30 25.78 5.15
CA LEU B 88 31.34 25.62 4.07
C LEU B 88 31.30 26.91 3.25
N PRO B 89 31.65 26.84 1.96
CA PRO B 89 31.70 28.09 1.20
C PRO B 89 30.32 28.66 0.89
N ASP B 90 30.27 29.96 0.61
CA ASP B 90 29.06 30.67 0.23
C ASP B 90 28.81 30.44 -1.27
N ILE B 91 28.36 29.24 -1.60
CA ILE B 91 28.10 28.84 -2.99
C ILE B 91 26.82 28.00 -3.02
N PRO B 92 26.23 27.81 -4.21
CA PRO B 92 25.02 27.00 -4.26
C PRO B 92 25.25 25.55 -3.81
N ILE B 93 24.31 25.02 -3.03
CA ILE B 93 24.24 23.61 -2.69
C ILE B 93 23.00 23.07 -3.39
N VAL B 94 23.21 22.13 -4.29
CA VAL B 94 22.13 21.56 -5.11
C VAL B 94 21.79 20.19 -4.55
N ARG B 95 20.52 19.98 -4.23
CA ARG B 95 20.10 18.70 -3.72
C ARG B 95 19.56 17.83 -4.85
N PHE B 96 19.38 16.54 -4.54
CA PHE B 96 18.84 15.59 -5.49
C PHE B 96 17.30 15.62 -5.42
N VAL B 97 16.69 16.03 -6.53
CA VAL B 97 15.24 15.98 -6.71
C VAL B 97 15.05 15.23 -8.02
N ASP B 98 14.20 14.21 -7.99
CA ASP B 98 14.10 13.29 -9.11
C ASP B 98 12.75 12.61 -9.03
N ARG B 99 12.11 12.49 -10.18
CA ARG B 99 10.80 11.86 -10.29
C ARG B 99 10.77 10.42 -9.71
N SER B 100 11.82 9.63 -9.96
CA SER B 100 11.89 8.25 -9.48
C SER B 100 12.00 8.21 -7.95
N LEU B 101 12.85 9.07 -7.43
CA LEU B 101 12.97 9.21 -5.97
C LEU B 101 11.62 9.53 -5.33
N THR B 102 10.95 10.54 -5.87
CA THR B 102 9.67 10.99 -5.34
C THR B 102 8.64 9.87 -5.33
N THR B 103 8.47 9.21 -6.47
CA THR B 103 7.46 8.17 -6.58
C THR B 103 7.73 6.98 -5.63
N ARG B 104 9.01 6.65 -5.42
CA ARG B 104 9.40 5.59 -4.48
C ARG B 104 9.06 5.95 -3.04
N MET B 105 9.30 7.20 -2.64
CA MET B 105 8.90 7.62 -1.31
C MET B 105 7.38 7.45 -1.13
N SER B 106 6.61 7.86 -2.13
CA SER B 106 5.16 7.73 -2.02
C SER B 106 4.71 6.25 -1.96
N GLU B 107 5.40 5.35 -2.67
CA GLU B 107 5.17 3.92 -2.53
C GLU B 107 5.29 3.49 -1.06
N TRP B 108 6.38 3.91 -0.41
CA TRP B 108 6.64 3.52 0.97
C TRP B 108 5.60 4.11 1.91
N VAL B 109 5.34 5.40 1.77
CA VAL B 109 4.38 6.09 2.64
C VAL B 109 3.00 5.47 2.55
N VAL B 110 2.52 5.28 1.33
CA VAL B 110 1.19 4.70 1.13
C VAL B 110 1.14 3.27 1.66
N MET B 111 2.16 2.48 1.38
CA MET B 111 2.24 1.13 1.91
C MET B 111 2.17 1.10 3.44
N GLN B 112 2.97 1.93 4.11
CA GLN B 112 2.99 1.97 5.56
C GLN B 112 1.63 2.40 6.11
N CYS B 113 1.05 3.44 5.53
CA CYS B 113 -0.29 3.91 5.93
C CYS B 113 -1.34 2.81 5.78
N LEU B 114 -1.31 2.08 4.66
CA LEU B 114 -2.24 0.97 4.44
C LEU B 114 -2.00 -0.20 5.40
N MET B 115 -0.74 -0.54 5.67
CA MET B 115 -0.44 -1.60 6.63
C MET B 115 -0.95 -1.28 8.02
N HIS B 116 -0.92 0.00 8.43
CA HIS B 116 -1.51 0.38 9.70
C HIS B 116 -3.03 0.37 9.62
N LEU B 117 -3.58 0.94 8.56
CA LEU B 117 -5.04 0.94 8.36
C LEU B 117 -5.63 -0.48 8.42
N ARG B 118 -4.96 -1.40 7.75
CA ARG B 118 -5.46 -2.75 7.55
C ARG B 118 -4.88 -3.80 8.50
N GLY B 119 -4.18 -3.37 9.55
CA GLY B 119 -3.71 -4.29 10.60
C GLY B 119 -2.81 -5.37 10.07
N GLN B 120 -1.87 -4.98 9.23
CA GLN B 120 -0.88 -5.92 8.73
C GLN B 120 -0.14 -6.64 9.82
N TYR B 121 0.25 -5.92 10.87
CA TYR B 121 0.99 -6.55 11.95
C TYR B 121 0.18 -7.68 12.59
N GLY B 122 -1.08 -7.41 12.88
CA GLY B 122 -2.00 -8.40 13.42
C GLY B 122 -2.24 -9.57 12.46
N HIS B 123 -2.46 -9.28 11.18
CA HIS B 123 -2.57 -10.36 10.19
C HIS B 123 -1.33 -11.24 10.11
N ASP B 124 -0.14 -10.60 10.12
CA ASP B 124 1.10 -11.35 10.10
CA ASP B 124 1.17 -11.29 10.15
C ASP B 124 1.28 -12.22 11.37
N SER B 125 0.93 -11.66 12.52
CA SER B 125 1.00 -12.40 13.78
C SER B 125 0.12 -13.64 13.76
N HIS B 126 -1.12 -13.47 13.32
CA HIS B 126 -2.03 -14.58 13.16
C HIS B 126 -1.53 -15.60 12.13
N GLN B 127 -1.01 -15.11 10.99
CA GLN B 127 -0.50 -16.03 9.96
C GLN B 127 0.62 -16.91 10.51
N ARG B 128 1.52 -16.30 11.27
CA ARG B 128 2.64 -17.04 11.88
C ARG B 128 2.16 -18.12 12.84
N ARG B 129 1.01 -17.89 13.45
CA ARG B 129 0.37 -18.87 14.34
C ARG B 129 -0.61 -19.81 13.62
N ARG B 130 -0.75 -19.68 12.31
CA ARG B 130 -1.77 -20.41 11.53
C ARG B 130 -3.18 -20.22 12.07
N GLU B 131 -3.50 -18.98 12.39
CA GLU B 131 -4.80 -18.60 12.95
C GLU B 131 -5.59 -17.80 11.92
N TRP B 132 -6.84 -18.23 11.72
CA TRP B 132 -7.79 -17.52 10.86
C TRP B 132 -8.55 -16.55 11.73
N ALA B 133 -8.30 -15.25 11.55
CA ALA B 133 -8.97 -14.25 12.38
C ALA B 133 -9.23 -13.01 11.57
N LYS B 134 -10.47 -12.82 11.18
CA LYS B 134 -10.89 -11.57 10.56
C LYS B 134 -10.69 -10.41 11.56
N LEU B 135 -10.09 -9.33 11.07
CA LEU B 135 -9.78 -8.15 11.87
C LEU B 135 -10.55 -7.02 11.23
N ILE B 136 -11.44 -6.37 11.99
CA ILE B 136 -12.31 -5.32 11.45
C ILE B 136 -11.48 -4.04 11.29
N ALA B 137 -11.39 -3.53 10.06
CA ALA B 137 -10.60 -2.34 9.76
C ALA B 137 -11.54 -1.21 9.35
N PRO B 138 -11.23 0.03 9.75
CA PRO B 138 -11.96 1.16 9.17
C PRO B 138 -11.52 1.35 7.71
N GLU B 139 -12.33 2.01 6.90
CA GLU B 139 -11.90 2.38 5.53
C GLU B 139 -11.05 3.63 5.61
N ALA B 140 -10.26 3.87 4.59
CA ALA B 140 -9.27 4.94 4.60
C ALA B 140 -9.89 6.31 4.92
N ALA B 141 -11.11 6.55 4.42
CA ALA B 141 -11.77 7.86 4.62
C ALA B 141 -12.09 8.19 6.09
N GLU B 142 -12.14 7.17 6.94
CA GLU B 142 -12.38 7.35 8.37
C GLU B 142 -11.12 7.78 9.14
N VAL B 143 -9.97 7.83 8.48
CA VAL B 143 -8.67 8.05 9.10
C VAL B 143 -8.02 9.28 8.50
N THR B 144 -7.52 10.18 9.36
CA THR B 144 -6.79 11.35 8.89
C THR B 144 -5.28 11.14 8.97
N VAL B 145 -4.63 11.23 7.82
CA VAL B 145 -3.19 11.23 7.74
C VAL B 145 -2.72 12.68 7.73
N GLY B 146 -1.84 13.04 8.68
CA GLY B 146 -1.25 14.36 8.76
C GLY B 146 0.17 14.28 8.25
N VAL B 147 0.44 14.92 7.11
CA VAL B 147 1.77 14.91 6.50
C VAL B 147 2.54 16.15 6.95
N MET B 148 3.67 15.92 7.60
CA MET B 148 4.55 16.98 8.04
C MET B 148 5.66 17.11 7.02
N GLY B 149 5.69 18.28 6.37
CA GLY B 149 6.55 18.54 5.24
C GLY B 149 5.70 18.45 3.98
N LEU B 150 5.59 19.55 3.26
CA LEU B 150 4.77 19.62 2.06
C LEU B 150 5.63 20.11 0.93
N GLY B 151 6.82 19.53 0.79
CA GLY B 151 7.69 19.84 -0.34
C GLY B 151 7.50 18.81 -1.47
N ILE B 152 8.62 18.46 -2.09
CA ILE B 152 8.60 17.50 -3.19
C ILE B 152 8.00 16.19 -2.74
N LEU B 153 8.49 15.65 -1.62
CA LEU B 153 8.00 14.34 -1.14
C LEU B 153 6.60 14.46 -0.54
N GLY B 154 6.41 15.44 0.33
CA GLY B 154 5.14 15.60 1.03
C GLY B 154 3.95 15.78 0.12
N GLN B 155 4.09 16.62 -0.90
CA GLN B 155 2.97 16.85 -1.82
C GLN B 155 2.62 15.63 -2.66
N ASP B 156 3.61 14.85 -3.07
CA ASP B 156 3.34 13.62 -3.80
C ASP B 156 2.62 12.60 -2.94
N ALA B 157 3.07 12.45 -1.68
CA ALA B 157 2.42 11.54 -0.75
C ALA B 157 0.98 11.94 -0.45
N VAL B 158 0.76 13.24 -0.21
CA VAL B 158 -0.59 13.77 0.03
C VAL B 158 -1.54 13.38 -1.11
N ALA B 159 -1.12 13.62 -2.35
CA ALA B 159 -1.96 13.34 -3.51
C ALA B 159 -2.33 11.87 -3.62
N LYS B 160 -1.37 10.98 -3.39
CA LYS B 160 -1.61 9.55 -3.55
C LYS B 160 -2.41 8.97 -2.38
N LEU B 161 -2.16 9.45 -1.17
CA LEU B 161 -2.96 9.07 -0.01
C LEU B 161 -4.44 9.45 -0.22
N LYS B 162 -4.67 10.65 -0.73
CA LYS B 162 -6.03 11.10 -1.05
C LYS B 162 -6.70 10.19 -2.07
N VAL B 163 -6.00 9.81 -3.13
CA VAL B 163 -6.54 8.86 -4.13
C VAL B 163 -6.92 7.53 -3.48
N MET B 164 -6.11 7.06 -2.54
CA MET B 164 -6.43 5.79 -1.84
C MET B 164 -7.63 5.92 -0.91
N GLY B 165 -8.03 7.16 -0.60
CA GLY B 165 -9.26 7.46 0.12
C GLY B 165 -9.06 8.02 1.51
N PHE B 166 -7.82 8.15 1.96
CA PHE B 166 -7.55 8.79 3.27
C PHE B 166 -8.02 10.24 3.31
N ASN B 167 -8.46 10.67 4.48
CA ASN B 167 -8.55 12.11 4.74
C ASN B 167 -7.13 12.56 5.00
N VAL B 168 -6.71 13.65 4.35
CA VAL B 168 -5.32 14.13 4.49
C VAL B 168 -5.26 15.59 4.90
N ILE B 169 -4.40 15.90 5.86
CA ILE B 169 -4.05 17.27 6.22
C ILE B 169 -2.54 17.44 6.18
N GLY B 170 -2.08 18.70 6.14
CA GLY B 170 -0.67 19.00 5.98
C GLY B 170 -0.14 20.08 6.88
N TRP B 171 1.12 19.92 7.27
CA TRP B 171 1.85 20.90 8.05
C TRP B 171 3.16 21.25 7.35
N SER B 172 3.46 22.54 7.27
CA SER B 172 4.74 23.01 6.73
C SER B 172 5.11 24.32 7.38
N ARG B 173 6.31 24.83 7.11
CA ARG B 173 6.80 26.02 7.78
C ARG B 173 5.98 27.23 7.38
N THR B 174 5.86 27.45 6.07
CA THR B 174 5.02 28.53 5.53
C THR B 174 3.73 27.95 4.97
N ARG B 175 2.65 28.72 5.01
CA ARG B 175 1.34 28.16 4.64
C ARG B 175 1.28 27.75 3.16
N LYS B 176 0.66 26.60 2.90
CA LYS B 176 0.43 26.08 1.54
C LYS B 176 -1.04 26.12 1.19
N THR B 177 -1.32 26.19 -0.11
CA THR B 177 -2.66 25.99 -0.63
C THR B 177 -2.65 24.69 -1.44
N ILE B 178 -3.35 23.69 -0.93
CA ILE B 178 -3.52 22.42 -1.61
C ILE B 178 -5.04 22.12 -1.65
N GLU B 179 -5.62 22.07 -2.85
CA GLU B 179 -7.06 21.79 -3.02
C GLU B 179 -7.46 20.49 -2.33
N GLY B 180 -8.51 20.55 -1.52
CA GLY B 180 -9.02 19.38 -0.80
C GLY B 180 -8.24 18.95 0.42
N VAL B 181 -7.24 19.74 0.82
CA VAL B 181 -6.35 19.35 1.92
C VAL B 181 -6.19 20.56 2.84
N GLU B 182 -6.67 20.43 4.07
CA GLU B 182 -6.50 21.48 5.05
C GLU B 182 -5.05 21.53 5.44
N THR B 183 -4.46 22.73 5.40
CA THR B 183 -3.04 22.88 5.73
C THR B 183 -2.82 23.86 6.87
N PHE B 184 -1.68 23.71 7.54
CA PHE B 184 -1.35 24.43 8.74
C PHE B 184 0.11 24.86 8.66
N ASP B 185 0.44 26.06 9.15
CA ASP B 185 1.82 26.55 9.13
C ASP B 185 2.56 26.33 10.47
N ALA B 186 3.78 26.85 10.59
CA ALA B 186 4.63 26.57 11.76
C ALA B 186 3.93 26.79 13.10
N GLY B 187 3.32 27.95 13.26
CA GLY B 187 2.62 28.32 14.48
C GLY B 187 1.33 27.57 14.77
N GLU B 188 0.85 26.76 13.84
CA GLU B 188 -0.39 26.00 14.00
C GLU B 188 -0.15 24.51 14.23
N LEU B 189 1.06 24.17 14.68
CA LEU B 189 1.41 22.77 14.94
C LEU B 189 0.39 22.03 15.84
N ASP B 190 0.01 22.62 16.95
CA ASP B 190 -0.91 21.95 17.90
C ASP B 190 -2.30 21.65 17.29
N ARG B 191 -2.80 22.58 16.49
CA ARG B 191 -4.07 22.38 15.75
C ARG B 191 -4.00 21.19 14.81
N PHE B 192 -2.89 21.11 14.07
CA PHE B 192 -2.64 20.03 13.16
C PHE B 192 -2.55 18.69 13.89
N LEU B 193 -1.77 18.66 14.96
CA LEU B 193 -1.56 17.43 15.71
C LEU B 193 -2.88 16.87 16.24
N ALA B 194 -3.73 17.75 16.76
CA ALA B 194 -5.02 17.35 17.34
C ALA B 194 -5.96 16.66 16.34
N LYS B 195 -5.79 16.94 15.06
CA LYS B 195 -6.59 16.34 13.99
C LYS B 195 -5.97 15.09 13.34
N THR B 196 -4.76 14.72 13.76
CA THR B 196 -4.00 13.70 13.06
C THR B 196 -4.11 12.33 13.73
N ASP B 197 -4.51 11.31 12.97
CA ASP B 197 -4.51 9.91 13.42
C ASP B 197 -3.21 9.24 13.04
N ILE B 198 -2.72 9.46 11.82
CA ILE B 198 -1.45 8.88 11.37
C ILE B 198 -0.55 10.02 10.97
N LEU B 199 0.53 10.21 11.73
CA LEU B 199 1.49 11.26 11.44
C LEU B 199 2.52 10.69 10.46
N VAL B 200 2.73 11.39 9.34
CA VAL B 200 3.77 11.01 8.37
C VAL B 200 4.82 12.11 8.32
N GLY B 201 6.05 11.77 8.74
CA GLY B 201 7.14 12.72 8.78
C GLY B 201 7.97 12.71 7.50
N LEU B 202 7.92 13.81 6.78
CA LEU B 202 8.76 14.06 5.60
C LEU B 202 9.45 15.43 5.69
N LEU B 203 10.00 15.72 6.87
CA LEU B 203 10.70 16.95 7.13
C LEU B 203 12.19 16.78 6.90
N PRO B 204 12.87 17.85 6.44
CA PRO B 204 14.32 17.86 6.48
C PRO B 204 14.83 18.03 7.91
N LEU B 205 16.08 17.64 8.14
CA LEU B 205 16.71 17.88 9.43
C LEU B 205 17.36 19.25 9.45
N THR B 206 16.86 20.10 10.33
CA THR B 206 17.41 21.44 10.59
C THR B 206 17.45 21.61 12.09
N PRO B 207 18.08 22.69 12.58
CA PRO B 207 17.99 22.92 14.03
C PRO B 207 16.54 22.98 14.54
N GLU B 208 15.61 23.50 13.73
CA GLU B 208 14.19 23.57 14.13
C GLU B 208 13.49 22.22 14.21
N THR B 209 13.97 21.22 13.47
CA THR B 209 13.32 19.90 13.44
C THR B 209 14.13 18.81 14.17
N THR B 210 15.21 19.18 14.87
CA THR B 210 16.01 18.21 15.60
C THR B 210 15.36 17.92 16.95
N GLY B 211 15.20 16.64 17.30
CA GLY B 211 14.59 16.27 18.58
C GLY B 211 13.16 16.76 18.68
N PHE B 212 12.46 16.71 17.55
CA PHE B 212 11.15 17.33 17.40
C PHE B 212 10.01 16.37 17.76
N TYR B 213 10.12 15.12 17.31
CA TYR B 213 9.07 14.13 17.53
C TYR B 213 9.30 13.48 18.89
N ASP B 214 8.66 14.04 19.90
CA ASP B 214 8.86 13.67 21.30
C ASP B 214 7.55 13.31 22.01
N SER B 215 7.64 12.93 23.29
CA SER B 215 6.48 12.49 24.07
C SER B 215 5.35 13.50 24.06
N GLU B 216 5.72 14.76 24.23
CA GLU B 216 4.76 15.86 24.27
C GLU B 216 3.98 15.92 22.94
N LEU B 217 4.70 15.82 21.82
CA LEU B 217 4.05 15.82 20.51
C LEU B 217 3.16 14.59 20.33
N PHE B 218 3.65 13.40 20.68
CA PHE B 218 2.81 12.19 20.54
C PHE B 218 1.51 12.25 21.34
N LYS B 219 1.56 12.86 22.53
CA LYS B 219 0.37 13.03 23.37
C LYS B 219 -0.62 14.07 22.84
N LYS B 220 -0.24 14.85 21.84
CA LYS B 220 -1.15 15.78 21.18
C LYS B 220 -1.87 15.19 19.97
N LEU B 221 -1.42 14.04 19.47
CA LEU B 221 -2.11 13.37 18.34
C LEU B 221 -3.51 12.94 18.72
N ARG B 222 -4.36 12.81 17.72
CA ARG B 222 -5.75 12.47 17.97
C ARG B 222 -5.87 11.09 18.61
N ARG B 223 -6.71 11.00 19.64
CA ARG B 223 -6.85 9.76 20.43
C ARG B 223 -8.13 8.98 20.21
N ASP B 224 -9.18 9.62 19.74
CA ASP B 224 -10.49 8.96 19.67
C ASP B 224 -10.86 8.61 18.23
N GLY B 225 -9.84 8.29 17.43
CA GLY B 225 -10.00 8.05 15.99
C GLY B 225 -10.37 6.59 15.68
N ALA B 226 -10.63 6.33 14.40
CA ALA B 226 -11.09 5.04 13.96
C ALA B 226 -10.09 3.91 14.15
N LEU B 227 -8.78 4.20 14.14
CA LEU B 227 -7.77 3.18 14.46
C LEU B 227 -7.58 2.94 15.94
N GLY B 228 -8.15 3.79 16.79
CA GLY B 228 -8.08 3.60 18.24
C GLY B 228 -6.98 4.43 18.86
N GLN B 229 -5.75 4.15 18.47
CA GLN B 229 -4.57 4.89 18.91
C GLN B 229 -3.85 5.44 17.70
N PRO B 230 -3.23 6.63 17.82
CA PRO B 230 -2.56 7.21 16.66
C PRO B 230 -1.22 6.51 16.35
N VAL B 231 -0.73 6.75 15.15
CA VAL B 231 0.45 6.07 14.62
C VAL B 231 1.46 7.10 14.20
N PHE B 232 2.74 6.81 14.44
CA PHE B 232 3.86 7.69 14.06
C PHE B 232 4.65 7.05 12.93
N ILE B 233 4.72 7.74 11.78
CA ILE B 233 5.51 7.28 10.63
C ILE B 233 6.56 8.34 10.38
N ASN B 234 7.82 7.92 10.22
CA ASN B 234 8.90 8.86 9.86
C ASN B 234 9.83 8.29 8.81
N ALA B 235 10.00 9.03 7.72
CA ALA B 235 10.96 8.74 6.69
C ALA B 235 11.76 9.98 6.30
N GLY B 236 11.79 10.98 7.18
CA GLY B 236 12.58 12.20 6.97
C GLY B 236 14.02 11.96 7.44
N ARG B 237 14.27 12.34 8.68
CA ARG B 237 15.59 12.14 9.30
C ARG B 237 15.40 11.60 10.72
N GLY B 238 16.26 10.65 11.09
CA GLY B 238 16.19 10.01 12.39
C GLY B 238 16.44 10.92 13.56
N LYS B 239 17.31 11.90 13.39
CA LYS B 239 17.57 12.84 14.49
C LYS B 239 16.42 13.81 14.76
N SER B 240 15.36 13.80 13.93
CA SER B 240 14.14 14.52 14.25
C SER B 240 13.30 13.86 15.32
N GLN B 241 13.55 12.57 15.62
CA GLN B 241 12.72 11.85 16.61
C GLN B 241 13.50 11.52 17.87
N ILE B 242 12.77 11.34 18.96
CA ILE B 242 13.33 10.88 20.23
C ILE B 242 12.89 9.43 20.37
N GLU B 243 13.80 8.49 20.13
CA GLU B 243 13.40 7.07 20.11
C GLU B 243 12.96 6.51 21.45
N THR B 244 13.58 6.99 22.54
CA THR B 244 13.16 6.58 23.85
CA THR B 244 13.14 6.58 23.86
C THR B 244 11.68 6.94 24.08
N ASP B 245 11.25 8.09 23.54
CA ASP B 245 9.87 8.52 23.65
C ASP B 245 8.93 7.68 22.77
N ILE B 246 9.41 7.27 21.61
CA ILE B 246 8.65 6.38 20.72
C ILE B 246 8.41 5.05 21.45
N VAL B 247 9.46 4.51 22.04
CA VAL B 247 9.35 3.21 22.77
C VAL B 247 8.33 3.31 23.90
N SER B 248 8.46 4.33 24.74
CA SER B 248 7.56 4.53 25.87
C SER B 248 6.11 4.76 25.39
N ALA B 249 5.94 5.54 24.33
CA ALA B 249 4.61 5.83 23.79
C ALA B 249 3.90 4.56 23.27
N VAL B 250 4.63 3.72 22.56
CA VAL B 250 4.08 2.45 22.06
C VAL B 250 3.77 1.51 23.20
N ARG B 251 4.73 1.33 24.12
CA ARG B 251 4.48 0.47 25.30
C ARG B 251 3.27 0.92 26.12
N GLU B 252 3.12 2.23 26.29
CA GLU B 252 2.04 2.78 27.08
C GLU B 252 0.67 2.81 26.36
N GLY B 253 0.66 2.69 25.03
CA GLY B 253 -0.57 2.86 24.26
C GLY B 253 -0.87 4.28 23.79
N THR B 254 0.03 5.23 24.06
CA THR B 254 -0.06 6.57 23.48
C THR B 254 0.00 6.51 21.95
N LEU B 255 0.91 5.69 21.42
CA LEU B 255 0.97 5.36 20.02
C LEU B 255 0.51 3.91 19.87
N GLY B 256 -0.35 3.67 18.86
CA GLY B 256 -0.80 2.32 18.54
C GLY B 256 0.22 1.56 17.72
N GLY B 257 1.21 2.25 17.18
CA GLY B 257 2.16 1.65 16.25
C GLY B 257 3.01 2.70 15.61
N ALA B 258 3.98 2.25 14.83
CA ALA B 258 4.88 3.14 14.11
C ALA B 258 5.46 2.48 12.87
N SER B 259 5.90 3.31 11.93
CA SER B 259 6.72 2.85 10.81
C SER B 259 7.89 3.78 10.69
N LEU B 260 9.10 3.24 10.74
CA LEU B 260 10.30 4.06 10.79
C LEU B 260 11.30 3.59 9.75
N ASP B 261 11.70 4.51 8.87
CA ASP B 261 12.77 4.26 7.91
C ASP B 261 14.09 4.88 8.34
N VAL B 262 14.06 5.77 9.33
CA VAL B 262 15.24 6.56 9.68
C VAL B 262 15.38 6.57 11.21
N PHE B 263 16.61 6.69 11.69
CA PHE B 263 16.94 6.50 13.12
C PHE B 263 18.00 7.46 13.61
N GLU B 264 17.99 7.74 14.91
CA GLU B 264 18.89 8.72 15.52
C GLU B 264 20.33 8.44 15.20
N VAL B 265 20.68 7.16 15.25
CA VAL B 265 21.98 6.66 14.80
C VAL B 265 21.69 5.48 13.90
N GLU B 266 22.25 5.50 12.68
CA GLU B 266 22.06 4.44 11.68
C GLU B 266 23.40 3.76 11.39
N PRO B 267 23.43 2.43 11.19
CA PRO B 267 22.29 1.51 11.34
C PRO B 267 21.73 1.48 12.76
N LEU B 268 20.41 1.27 12.89
CA LEU B 268 19.76 1.11 14.20
C LEU B 268 20.45 0.04 15.04
N ALA B 269 20.78 0.36 16.29
CA ALA B 269 21.51 -0.56 17.13
C ALA B 269 20.71 -1.84 17.31
N THR B 270 21.42 -2.97 17.33
CA THR B 270 20.85 -4.29 17.44
C THR B 270 20.03 -4.46 18.70
N ASP B 271 20.42 -3.80 19.79
CA ASP B 271 19.69 -3.88 21.05
C ASP B 271 18.57 -2.85 21.20
N SER B 272 18.25 -2.09 20.14
CA SER B 272 17.11 -1.17 20.22
C SER B 272 15.83 -1.93 20.53
N PRO B 273 14.97 -1.39 21.41
CA PRO B 273 13.66 -1.99 21.61
C PRO B 273 12.74 -1.92 20.39
N LEU B 274 13.02 -1.01 19.46
CA LEU B 274 12.16 -0.79 18.31
C LEU B 274 11.97 -2.01 17.40
N TRP B 275 13.00 -2.83 17.26
CA TRP B 275 12.92 -4.01 16.39
C TRP B 275 11.74 -4.94 16.69
N GLU B 276 11.44 -5.15 17.98
CA GLU B 276 10.44 -6.14 18.39
C GLU B 276 9.21 -5.51 19.06
N LEU B 277 9.01 -4.21 18.91
CA LEU B 277 7.79 -3.59 19.43
C LEU B 277 6.61 -4.00 18.61
N GLU B 278 5.52 -4.33 19.27
CA GLU B 278 4.25 -4.62 18.59
C GLU B 278 3.77 -3.47 17.71
N ASN B 279 3.30 -3.80 16.52
CA ASN B 279 2.83 -2.86 15.49
C ASN B 279 3.86 -1.82 15.08
N VAL B 280 5.15 -2.16 15.10
CA VAL B 280 6.20 -1.26 14.62
C VAL B 280 6.93 -1.91 13.44
N PHE B 281 7.02 -1.16 12.35
CA PHE B 281 7.67 -1.61 11.14
C PHE B 281 8.97 -0.84 10.99
N ILE B 282 10.04 -1.57 10.69
CA ILE B 282 11.36 -0.98 10.54
C ILE B 282 11.84 -1.25 9.12
N THR B 283 12.27 -0.19 8.43
CA THR B 283 13.00 -0.35 7.17
C THR B 283 14.37 0.36 7.28
N PRO B 284 15.40 -0.17 6.61
CA PRO B 284 16.76 0.29 6.87
C PRO B 284 17.17 1.48 6.00
N HIS B 285 16.50 2.61 6.21
CA HIS B 285 16.72 3.83 5.41
C HIS B 285 16.74 3.52 3.92
N ASP B 286 15.69 2.81 3.46
CA ASP B 286 15.55 2.48 2.05
C ASP B 286 14.19 2.88 1.47
N ALA B 287 13.52 3.86 2.08
CA ALA B 287 12.18 4.27 1.63
C ALA B 287 12.22 4.83 0.21
N ALA B 288 13.25 5.59 -0.12
CA ALA B 288 13.36 6.12 -1.48
C ALA B 288 14.82 6.09 -1.86
N VAL B 289 15.18 4.98 -2.48
CA VAL B 289 16.50 4.72 -3.01
C VAL B 289 16.36 4.74 -4.53
N SER B 290 16.65 5.87 -5.14
CA SER B 290 16.65 6.01 -6.61
C SER B 290 17.86 5.29 -7.25
N GLU B 291 17.64 4.70 -8.41
CA GLU B 291 18.69 3.92 -9.11
C GLU B 291 20.02 4.69 -9.22
N GLU B 292 21.13 3.96 -9.12
CA GLU B 292 22.47 4.59 -8.94
C GLU B 292 22.84 5.66 -9.95
N ASN B 293 22.43 5.48 -11.19
CA ASN B 293 22.72 6.39 -12.31
C ASN B 293 21.94 7.70 -12.32
N ALA B 294 20.74 7.69 -11.74
CA ALA B 294 19.87 8.88 -11.79
C ALA B 294 20.53 10.08 -11.10
N LEU B 295 21.16 9.86 -9.95
CA LEU B 295 21.93 10.92 -9.26
C LEU B 295 23.00 11.56 -10.15
N PHE B 296 23.78 10.72 -10.81
CA PHE B 296 24.89 11.19 -11.65
C PHE B 296 24.43 11.89 -12.92
N ARG B 297 23.39 11.36 -13.57
CA ARG B 297 22.76 12.05 -14.70
C ARG B 297 22.28 13.44 -14.27
N HIS B 298 21.71 13.52 -13.05
CA HIS B 298 21.23 14.78 -12.47
C HIS B 298 22.35 15.80 -12.27
N VAL B 299 23.48 15.38 -11.72
CA VAL B 299 24.61 16.28 -11.48
C VAL B 299 25.16 16.76 -12.84
N GLU B 300 25.31 15.83 -13.76
CA GLU B 300 25.74 16.17 -15.13
C GLU B 300 24.86 17.25 -15.74
N MET B 301 23.55 17.08 -15.61
CA MET B 301 22.58 18.05 -16.16
C MET B 301 22.77 19.42 -15.55
N GLN B 302 22.92 19.48 -14.23
CA GLN B 302 23.05 20.77 -13.55
C GLN B 302 24.38 21.47 -13.86
N ILE B 303 25.45 20.69 -13.96
CA ILE B 303 26.73 21.22 -14.41
C ILE B 303 26.57 21.83 -15.80
N ALA B 304 25.91 21.09 -16.70
CA ALA B 304 25.69 21.57 -18.06
C ALA B 304 24.90 22.89 -18.09
N ARG B 305 23.81 22.96 -17.34
CA ARG B 305 23.00 24.18 -17.23
C ARG B 305 23.85 25.33 -16.72
N PHE B 306 24.50 25.10 -15.58
CA PHE B 306 25.40 26.09 -14.94
C PHE B 306 26.40 26.67 -15.93
N GLU B 307 27.05 25.77 -16.67
CA GLU B 307 28.16 26.14 -17.55
C GLU B 307 27.70 26.84 -18.84
N ARG B 308 26.45 26.67 -19.25
CA ARG B 308 25.95 27.39 -20.43
C ARG B 308 25.05 28.58 -20.07
N GLY B 309 24.99 28.93 -18.78
CA GLY B 309 24.26 30.12 -18.33
C GLY B 309 22.81 29.95 -17.91
N GLU B 310 22.35 28.71 -17.77
CA GLU B 310 21.01 28.46 -17.22
C GLU B 310 21.09 28.39 -15.69
N PRO B 311 20.02 28.80 -15.00
CA PRO B 311 20.04 28.67 -13.54
C PRO B 311 20.12 27.22 -13.05
N LEU B 312 20.95 27.01 -12.03
CA LEU B 312 20.90 25.76 -11.24
C LEU B 312 19.52 25.53 -10.67
N GLN B 313 19.08 24.28 -10.64
CA GLN B 313 17.79 23.91 -10.04
C GLN B 313 18.02 23.24 -8.68
N PHE B 314 17.00 23.26 -7.83
CA PHE B 314 17.04 22.53 -6.57
C PHE B 314 18.12 23.02 -5.61
N VAL B 315 18.34 24.33 -5.65
CA VAL B 315 19.33 25.01 -4.82
C VAL B 315 18.69 25.26 -3.46
N ILE B 316 19.38 24.89 -2.39
CA ILE B 316 18.80 25.05 -1.06
C ILE B 316 18.91 26.51 -0.61
N ASP B 317 17.95 26.89 0.24
CA ASP B 317 17.92 28.22 0.86
C ASP B 317 18.79 28.18 2.11
N ARG B 318 19.97 28.81 2.05
CA ARG B 318 20.97 28.79 3.14
C ARG B 318 20.41 29.34 4.43
N ALA B 319 19.58 30.38 4.33
CA ALA B 319 18.95 30.98 5.50
C ALA B 319 17.97 30.02 6.17
N ALA B 320 17.15 29.36 5.37
CA ALA B 320 16.19 28.39 5.86
C ALA B 320 16.88 27.08 6.30
N GLY B 321 17.99 26.75 5.65
CA GLY B 321 18.77 25.56 6.00
C GLY B 321 18.31 24.29 5.30
N TYR B 322 17.50 24.45 4.25
CA TYR B 322 17.06 23.33 3.43
C TYR B 322 16.55 23.89 2.09
PA NDP C . -18.10 -7.87 -11.66
O1A NDP C . -19.28 -8.62 -12.12
O2A NDP C . -18.34 -6.39 -11.59
O5B NDP C . -16.82 -8.07 -12.54
C5B NDP C . -16.38 -9.40 -12.85
C4B NDP C . -15.34 -9.31 -13.93
O4B NDP C . -14.83 -10.63 -14.20
C3B NDP C . -15.84 -8.75 -15.26
O3B NDP C . -14.87 -7.88 -15.82
C2B NDP C . -15.99 -10.01 -16.10
O2B NDP C . -15.79 -9.82 -17.52
C1B NDP C . -14.82 -10.83 -15.60
N9A NDP C . -14.96 -12.25 -15.89
C8A NDP C . -15.95 -13.11 -15.48
N7A NDP C . -15.84 -14.32 -15.98
C5A NDP C . -14.70 -14.25 -16.77
C6A NDP C . -14.04 -15.19 -17.58
N6A NDP C . -14.44 -16.45 -17.74
N1A NDP C . -12.94 -14.79 -18.25
C2A NDP C . -12.52 -13.53 -18.10
N3A NDP C . -13.05 -12.56 -17.34
C4A NDP C . -14.15 -12.99 -16.71
O3 NDP C . -17.71 -8.36 -10.20
PN NDP C . -16.98 -7.60 -9.00
O1N NDP C . -15.85 -6.85 -9.55
O2N NDP C . -18.00 -6.75 -8.26
O5D NDP C . -16.54 -8.81 -8.09
C5D NDP C . -15.62 -9.81 -8.57
C4D NDP C . -15.54 -10.94 -7.57
O4D NDP C . -14.77 -10.55 -6.43
C3D NDP C . -16.85 -11.40 -6.98
O3D NDP C . -17.58 -12.23 -7.88
C2D NDP C . -16.40 -12.14 -5.73
O2D NDP C . -16.18 -13.52 -6.00
C1D NDP C . -15.07 -11.45 -5.37
N1N NDP C . -15.10 -10.68 -4.13
C2N NDP C . -14.25 -10.99 -3.08
C3N NDP C . -14.23 -10.28 -1.93
C7N NDP C . -13.25 -10.57 -0.81
O7N NDP C . -13.48 -10.10 0.31
N7N NDP C . -12.16 -11.29 -1.05
C4N NDP C . -15.17 -9.13 -1.73
C5N NDP C . -16.10 -8.96 -2.87
C6N NDP C . -16.01 -9.68 -3.97
P2B NDP C . -16.79 -8.90 -18.35
O1X NDP C . -16.52 -7.52 -17.98
O2X NDP C . -16.46 -9.20 -19.81
O3X NDP C . -18.14 -9.41 -18.01
C1 OXD D . -18.25 -11.04 -1.27
C2 OXD D . -17.16 -11.57 -0.43
O3 OXD D . -18.70 -9.90 -1.06
O4 OXD D . -17.06 -11.22 0.77
O5 OXD D . -18.69 -11.74 -2.21
O6 OXD D . -16.35 -12.38 -0.90
PA NDP E . 11.55 19.86 0.49
O1A NDP E . 12.55 20.89 0.73
O2A NDP E . 11.03 19.83 -0.93
O5B NDP E . 10.32 20.05 1.46
C5B NDP E . 10.57 20.15 2.87
C4B NDP E . 9.29 20.50 3.57
O4B NDP E . 9.54 20.57 5.00
C3B NDP E . 8.70 21.86 3.17
O3B NDP E . 7.29 21.84 3.05
C2B NDP E . 9.07 22.74 4.35
O2B NDP E . 8.21 23.87 4.60
C1B NDP E . 8.97 21.76 5.50
N9A NDP E . 9.70 22.20 6.67
C8A NDP E . 11.05 22.39 6.78
N7A NDP E . 11.43 22.89 7.93
C5A NDP E . 10.24 23.05 8.62
C6A NDP E . 9.95 23.60 9.89
N6A NDP E . 10.87 24.11 10.71
N1A NDP E . 8.65 23.65 10.27
C2A NDP E . 7.71 23.19 9.43
N3A NDP E . 7.87 22.66 8.21
C4A NDP E . 9.16 22.62 7.86
O3 NDP E . 12.22 18.45 0.82
PN NDP E . 11.86 17.00 0.27
O1N NDP E . 10.39 16.88 0.26
O2N NDP E . 12.45 16.83 -1.10
O5D NDP E . 12.54 16.01 1.28
C5D NDP E . 12.21 16.02 2.67
C4D NDP E . 13.24 15.22 3.43
O4D NDP E . 13.04 13.81 3.19
C3D NDP E . 14.68 15.44 3.04
O3D NDP E . 15.16 16.65 3.60
C2D NDP E . 15.36 14.18 3.59
O2D NDP E . 15.84 14.36 4.91
C1D NDP E . 14.22 13.14 3.59
N1N NDP E . 14.43 12.03 2.67
C2N NDP E . 14.50 10.74 3.12
C3N NDP E . 14.65 9.68 2.29
C7N NDP E . 14.58 8.27 2.78
O7N NDP E . 14.98 7.36 2.01
N7N NDP E . 14.06 8.00 3.97
C4N NDP E . 14.82 9.89 0.84
C5N NDP E . 14.78 11.32 0.46
C6N NDP E . 14.57 12.27 1.34
P2B NDP E . 8.07 25.05 3.50
O1X NDP E . 7.38 24.44 2.34
O2X NDP E . 7.27 26.13 4.18
O3X NDP E . 9.46 25.50 3.18
C1 OXD F . 18.14 11.31 0.88
C2 OXD F . 18.07 10.08 1.68
O3 OXD F . 18.37 12.41 1.44
O4 OXD F . 17.63 10.13 2.83
O5 OXD F . 17.98 11.24 -0.35
O6 OXD F . 18.43 9.00 1.18
#